data_9C9F
#
_entry.id   9C9F
#
_cell.length_a   42.936
_cell.length_b   83.778
_cell.length_c   84.917
_cell.angle_alpha   101.598
_cell.angle_beta   96.027
_cell.angle_gamma   94.673
#
_symmetry.space_group_name_H-M   'P 1'
#
loop_
_entity.id
_entity.type
_entity.pdbx_description
1 polymer 'Fluoroacetate dehalogenase'
2 water water
#
_entity_poly.entity_id   1
_entity_poly.type   'polypeptide(L)'
_entity_poly.pdbx_seq_one_letter_code
;MGSSHHHHHHSSGLVPRGSHMHTDPWMPGLRQQRITVDDGVEINAWVGGQGPALLLVHGHPQTSAIWHRVAPRLAQQFTV
VLADLRGYGDSSRPAGDPEHVNYSKRTMARDLLRLMARLGHEHFSVLAHDRGARVAHRLAMDYPASVQRLVLLDIAPTLA
MYEQTGEAFARAYWHWFFLIQPAPLPERLIEADPAAYVREIMGRRSAGLAPFDPRALAEYQRCLALPGSAHGMCEDYRAS
AGIDLDHDREDRQLGRRLSMPLLVLWGEEGVVHRCFDPLREWQLVADDVRGRPLACGHYIAEEAPDALLDAALPFLLQAG
;
_entity_poly.pdbx_strand_id   A,B,C,D
#
# COMPACT_ATOMS: atom_id res chain seq x y z
N TRP A 26 6.18 -6.75 38.82
CA TRP A 26 5.32 -6.67 37.64
C TRP A 26 4.29 -7.80 37.62
N MET A 27 3.02 -7.42 37.78
CA MET A 27 1.91 -8.36 37.76
C MET A 27 2.14 -9.52 38.74
N PRO A 28 2.51 -9.22 39.99
CA PRO A 28 2.76 -10.30 40.95
C PRO A 28 1.52 -11.18 41.13
N GLY A 29 1.71 -12.49 40.98
CA GLY A 29 0.65 -13.44 41.12
C GLY A 29 -0.14 -13.73 39.88
N LEU A 30 0.10 -12.98 38.81
CA LEU A 30 -0.65 -13.14 37.57
C LEU A 30 0.18 -13.88 36.53
N ARG A 31 -0.48 -14.74 35.76
CA ARG A 31 0.14 -15.50 34.69
C ARG A 31 -0.64 -15.25 33.41
N GLN A 32 0.10 -15.06 32.33
CA GLN A 32 -0.50 -14.76 31.04
C GLN A 32 -1.09 -16.02 30.44
N GLN A 33 -2.26 -15.85 29.81
CA GLN A 33 -3.02 -16.95 29.25
C GLN A 33 -3.65 -16.54 27.93
N ARG A 34 -3.70 -17.47 26.98
CA ARG A 34 -4.40 -17.30 25.72
C ARG A 34 -5.59 -18.23 25.58
N ILE A 35 -6.75 -17.66 25.28
CA ILE A 35 -8.00 -18.40 25.14
C ILE A 35 -8.58 -18.09 23.76
N THR A 36 -8.81 -19.13 22.96
CA THR A 36 -9.44 -18.96 21.66
C THR A 36 -10.89 -18.54 21.84
N VAL A 37 -11.25 -17.36 21.34
CA VAL A 37 -12.61 -16.85 21.48
C VAL A 37 -13.36 -16.81 20.16
N ASP A 38 -12.68 -16.91 19.02
CA ASP A 38 -13.36 -17.01 17.74
C ASP A 38 -12.51 -17.89 16.83
N ASP A 39 -13.06 -18.22 15.67
CA ASP A 39 -12.37 -19.10 14.75
C ASP A 39 -11.13 -18.35 14.27
N GLY A 40 -9.95 -18.77 14.69
CA GLY A 40 -8.71 -18.06 14.41
C GLY A 40 -8.49 -16.78 15.18
N VAL A 41 -9.22 -16.58 16.28
CA VAL A 41 -9.07 -15.39 17.12
C VAL A 41 -8.81 -15.82 18.56
N GLU A 42 -7.62 -15.49 19.06
CA GLU A 42 -7.18 -15.74 20.42
C GLU A 42 -7.11 -14.43 21.21
N ILE A 43 -7.47 -14.50 22.47
CA ILE A 43 -7.40 -13.36 23.39
C ILE A 43 -6.32 -13.65 24.42
N ASN A 44 -5.34 -12.76 24.51
CA ASN A 44 -4.30 -12.85 25.53
C ASN A 44 -4.78 -12.17 26.81
N ALA A 45 -4.56 -12.82 27.95
CA ALA A 45 -5.00 -12.26 29.22
C ALA A 45 -4.09 -12.70 30.35
N TRP A 46 -3.98 -11.83 31.35
CA TRP A 46 -3.30 -12.09 32.62
C TRP A 46 -4.34 -12.48 33.66
N VAL A 47 -4.25 -13.70 34.18
CA VAL A 47 -5.24 -14.25 35.10
C VAL A 47 -4.61 -14.50 36.45
N GLY A 48 -5.31 -14.12 37.51
CA GLY A 48 -4.81 -14.41 38.84
C GLY A 48 -5.83 -14.10 39.90
N GLY A 49 -5.40 -14.22 41.16
CA GLY A 49 -6.21 -13.79 42.28
C GLY A 49 -7.23 -14.83 42.71
N GLN A 50 -8.17 -14.38 43.53
CA GLN A 50 -9.18 -15.27 44.09
C GLN A 50 -10.40 -14.44 44.49
N GLY A 51 -11.57 -15.05 44.33
CA GLY A 51 -12.82 -14.39 44.62
C GLY A 51 -13.66 -14.16 43.38
N PRO A 52 -14.68 -13.30 43.49
CA PRO A 52 -15.55 -13.06 42.33
C PRO A 52 -14.74 -12.60 41.13
N ALA A 53 -15.25 -12.89 39.94
CA ALA A 53 -14.50 -12.61 38.72
C ALA A 53 -14.57 -11.13 38.38
N LEU A 54 -13.44 -10.58 37.95
CA LEU A 54 -13.34 -9.18 37.58
C LEU A 54 -12.55 -9.07 36.28
N LEU A 55 -13.22 -8.63 35.23
CA LEU A 55 -12.62 -8.43 33.92
C LEU A 55 -12.10 -7.00 33.81
N LEU A 56 -10.82 -6.84 33.52
CA LEU A 56 -10.20 -5.53 33.37
C LEU A 56 -9.85 -5.32 31.90
N VAL A 57 -10.30 -4.19 31.35
CA VAL A 57 -10.23 -3.94 29.91
C VAL A 57 -9.63 -2.57 29.64
N HIS A 58 -8.53 -2.57 28.89
CA HIS A 58 -7.78 -1.38 28.56
C HIS A 58 -8.39 -0.65 27.36
N GLY A 59 -7.72 0.43 26.93
CA GLY A 59 -8.08 1.14 25.72
C GLY A 59 -6.90 1.52 24.85
N HIS A 60 -7.00 2.68 24.17
CA HIS A 60 -6.08 3.04 23.11
C HIS A 60 -5.07 4.09 23.57
N PRO A 61 -3.79 3.99 23.16
CA PRO A 61 -3.16 2.92 22.37
C PRO A 61 -2.40 1.94 23.28
N GLN A 62 -3.07 1.32 24.22
CA GLN A 62 -2.38 0.62 25.30
C GLN A 62 -2.76 -0.85 25.34
N THR A 63 -2.47 -1.52 26.45
CA THR A 63 -2.70 -2.94 26.58
C THR A 63 -3.10 -3.23 28.03
N SER A 64 -3.23 -4.51 28.38
CA SER A 64 -3.55 -4.87 29.76
C SER A 64 -2.53 -4.29 30.74
N ALA A 65 -1.32 -3.99 30.27
CA ALA A 65 -0.30 -3.44 31.15
C ALA A 65 -0.79 -2.21 31.91
N ILE A 66 -1.83 -1.52 31.41
CA ILE A 66 -2.26 -0.30 32.08
C ILE A 66 -2.64 -0.57 33.53
N TRP A 67 -3.01 -1.81 33.85
CA TRP A 67 -3.56 -2.13 35.16
C TRP A 67 -2.49 -2.55 36.19
N HIS A 68 -1.21 -2.38 35.87
CA HIS A 68 -0.16 -2.95 36.72
C HIS A 68 -0.10 -2.32 38.10
N ARG A 69 -0.60 -1.10 38.27
CA ARG A 69 -0.55 -0.46 39.58
C ARG A 69 -1.67 -0.89 40.51
N VAL A 70 -2.85 -1.22 39.95
CA VAL A 70 -3.99 -1.60 40.79
C VAL A 70 -4.25 -3.10 40.82
N ALA A 71 -3.69 -3.85 39.88
CA ALA A 71 -4.05 -5.27 39.77
C ALA A 71 -3.64 -6.07 41.00
N PRO A 72 -2.47 -5.88 41.60
CA PRO A 72 -2.14 -6.66 42.82
C PRO A 72 -3.19 -6.49 43.91
N ARG A 73 -3.56 -5.25 44.23
CA ARG A 73 -4.57 -5.01 45.27
C ARG A 73 -5.89 -5.70 44.91
N LEU A 74 -6.35 -5.51 43.67
CA LEU A 74 -7.62 -6.12 43.26
C LEU A 74 -7.57 -7.64 43.39
N ALA A 75 -6.44 -8.25 43.03
CA ALA A 75 -6.31 -9.71 43.07
C ALA A 75 -6.45 -10.29 44.47
N GLN A 76 -6.39 -9.47 45.52
CA GLN A 76 -6.56 -10.02 46.87
C GLN A 76 -8.00 -10.43 47.15
N GLN A 77 -8.97 -9.82 46.47
CA GLN A 77 -10.37 -10.11 46.72
C GLN A 77 -11.15 -10.49 45.46
N PHE A 78 -10.54 -10.40 44.29
CA PHE A 78 -11.19 -10.79 43.05
C PHE A 78 -10.27 -11.73 42.28
N THR A 79 -10.88 -12.63 41.50
CA THR A 79 -10.16 -13.34 40.45
C THR A 79 -10.08 -12.38 39.27
N VAL A 80 -8.93 -11.79 39.06
CA VAL A 80 -8.75 -10.74 38.06
C VAL A 80 -8.36 -11.39 36.73
N VAL A 81 -8.93 -10.84 35.65
CA VAL A 81 -8.67 -11.26 34.29
C VAL A 81 -8.41 -9.98 33.50
N LEU A 82 -7.14 -9.68 33.22
CA LEU A 82 -6.76 -8.48 32.48
C LEU A 82 -6.63 -8.87 31.01
N ALA A 83 -7.58 -8.43 30.19
CA ALA A 83 -7.66 -8.90 28.81
C ALA A 83 -7.12 -7.87 27.84
N ASP A 84 -6.39 -8.34 26.83
CA ASP A 84 -5.97 -7.52 25.70
C ASP A 84 -7.05 -7.59 24.62
N LEU A 85 -7.64 -6.45 24.29
CA LEU A 85 -8.63 -6.43 23.21
C LEU A 85 -8.03 -7.01 21.93
N ARG A 86 -8.89 -7.52 21.06
CA ARG A 86 -8.43 -7.93 19.74
C ARG A 86 -7.89 -6.72 19.01
N GLY A 87 -6.77 -6.92 18.30
CA GLY A 87 -6.02 -5.83 17.72
C GLY A 87 -4.99 -5.19 18.63
N TYR A 88 -4.99 -5.56 19.91
CA TYR A 88 -4.12 -4.93 20.89
C TYR A 88 -3.30 -5.98 21.63
N GLY A 89 -2.24 -5.52 22.29
CA GLY A 89 -1.45 -6.41 23.13
C GLY A 89 -0.97 -7.62 22.36
N ASP A 90 -1.08 -8.79 22.99
CA ASP A 90 -0.67 -10.05 22.39
C ASP A 90 -1.84 -10.90 21.90
N SER A 91 -3.01 -10.28 21.72
CA SER A 91 -4.16 -11.00 21.18
C SER A 91 -4.06 -11.07 19.65
N SER A 92 -4.98 -11.82 19.06
CA SER A 92 -5.03 -11.96 17.62
C SER A 92 -5.25 -10.59 16.97
N ARG A 93 -4.87 -10.48 15.70
CA ARG A 93 -5.02 -9.26 14.93
C ARG A 93 -5.85 -9.62 13.68
N PRO A 94 -7.14 -9.92 13.85
CA PRO A 94 -7.94 -10.35 12.69
C PRO A 94 -8.02 -9.28 11.61
N ALA A 95 -8.38 -9.74 10.42
CA ALA A 95 -8.59 -8.85 9.28
C ALA A 95 -9.79 -7.94 9.52
N GLY A 96 -9.79 -6.80 8.83
CA GLY A 96 -10.94 -5.94 8.81
C GLY A 96 -11.97 -6.44 7.81
N ASP A 97 -12.98 -5.62 7.59
CA ASP A 97 -14.03 -5.92 6.63
C ASP A 97 -14.77 -4.64 6.30
N PRO A 98 -15.42 -4.57 5.13
CA PRO A 98 -15.97 -3.28 4.69
C PRO A 98 -16.89 -2.60 5.69
N GLU A 99 -17.72 -3.35 6.39
CA GLU A 99 -18.66 -2.77 7.36
C GLU A 99 -18.10 -2.71 8.78
N HIS A 100 -16.88 -3.24 9.00
CA HIS A 100 -16.21 -3.14 10.29
C HIS A 100 -16.91 -3.97 11.36
N VAL A 101 -17.44 -5.13 10.94
CA VAL A 101 -18.06 -6.06 11.89
C VAL A 101 -17.00 -6.69 12.76
N ASN A 102 -15.82 -6.97 12.20
CA ASN A 102 -14.80 -7.73 12.92
C ASN A 102 -14.27 -6.98 14.12
N TYR A 103 -14.34 -5.64 14.11
CA TYR A 103 -13.93 -4.83 15.25
C TYR A 103 -15.08 -4.03 15.84
N SER A 104 -16.32 -4.43 15.56
CA SER A 104 -17.47 -3.80 16.21
C SER A 104 -17.45 -4.07 17.70
N LYS A 105 -18.08 -3.17 18.46
CA LYS A 105 -18.15 -3.39 19.91
C LYS A 105 -18.95 -4.64 20.23
N ARG A 106 -19.92 -5.00 19.40
CA ARG A 106 -20.65 -6.26 19.60
C ARG A 106 -19.69 -7.44 19.51
N THR A 107 -18.87 -7.47 18.46
CA THR A 107 -17.94 -8.58 18.29
C THR A 107 -16.87 -8.62 19.37
N MET A 108 -16.27 -7.46 19.69
CA MET A 108 -15.22 -7.44 20.72
C MET A 108 -15.80 -7.77 22.09
N ALA A 109 -17.05 -7.37 22.33
CA ALA A 109 -17.72 -7.75 23.56
C ALA A 109 -17.96 -9.25 23.60
N ARG A 110 -18.32 -9.86 22.47
CA ARG A 110 -18.46 -11.31 22.43
C ARG A 110 -17.11 -11.98 22.71
N ASP A 111 -16.03 -11.42 22.17
CA ASP A 111 -14.69 -11.90 22.53
C ASP A 111 -14.56 -12.01 24.04
N LEU A 112 -14.88 -10.91 24.75
CA LEU A 112 -14.64 -10.89 26.19
C LEU A 112 -15.61 -11.82 26.94
N LEU A 113 -16.86 -11.86 26.52
CA LEU A 113 -17.81 -12.79 27.11
C LEU A 113 -17.29 -14.22 27.03
N ARG A 114 -16.89 -14.64 25.82
CA ARG A 114 -16.39 -16.00 25.65
C ARG A 114 -15.12 -16.22 26.45
N LEU A 115 -14.22 -15.23 26.49
CA LEU A 115 -13.03 -15.36 27.32
C LEU A 115 -13.40 -15.74 28.75
N MET A 116 -14.27 -14.93 29.37
CA MET A 116 -14.66 -15.20 30.75
C MET A 116 -15.34 -16.56 30.87
N ALA A 117 -16.14 -16.94 29.87
CA ALA A 117 -16.81 -18.23 29.93
C ALA A 117 -15.79 -19.37 29.97
N ARG A 118 -14.83 -19.37 29.05
CA ARG A 118 -13.88 -20.47 28.98
C ARG A 118 -12.98 -20.52 30.21
N LEU A 119 -12.77 -19.39 30.89
CA LEU A 119 -12.03 -19.40 32.14
C LEU A 119 -12.90 -19.79 33.33
N GLY A 120 -14.17 -20.13 33.10
CA GLY A 120 -15.03 -20.63 34.15
C GLY A 120 -15.84 -19.58 34.86
N HIS A 121 -16.05 -18.41 34.27
CA HIS A 121 -16.76 -17.30 34.91
C HIS A 121 -17.96 -16.96 34.05
N GLU A 122 -19.13 -17.42 34.48
CA GLU A 122 -20.38 -17.09 33.79
C GLU A 122 -20.96 -15.77 34.25
N HIS A 123 -20.54 -15.27 35.41
CA HIS A 123 -20.96 -13.97 35.92
C HIS A 123 -19.71 -13.26 36.42
N PHE A 124 -19.58 -11.98 36.07
CA PHE A 124 -18.37 -11.25 36.40
C PHE A 124 -18.67 -9.76 36.45
N SER A 125 -17.80 -9.03 37.17
CA SER A 125 -17.80 -7.58 37.13
C SER A 125 -16.79 -7.11 36.09
N VAL A 126 -16.87 -5.83 35.72
CA VAL A 126 -16.00 -5.28 34.69
C VAL A 126 -15.48 -3.92 35.15
N LEU A 127 -14.17 -3.73 35.03
CA LEU A 127 -13.50 -2.45 35.19
C LEU A 127 -12.80 -2.14 33.87
N ALA A 128 -13.17 -1.02 33.25
CA ALA A 128 -12.73 -0.78 31.88
C ALA A 128 -12.42 0.70 31.67
N HIS A 129 -11.58 0.93 30.66
CA HIS A 129 -11.05 2.25 30.37
C HIS A 129 -11.05 2.46 28.87
N ASP A 130 -11.41 3.66 28.43
CA ASP A 130 -11.21 4.09 27.04
C ASP A 130 -11.92 3.08 26.12
N ARG A 131 -11.28 2.60 25.05
CA ARG A 131 -11.97 1.67 24.15
C ARG A 131 -12.60 0.52 24.93
N GLY A 132 -11.86 -0.04 25.88
CA GLY A 132 -12.40 -1.15 26.64
C GLY A 132 -13.74 -0.83 27.27
N ALA A 133 -13.85 0.35 27.88
CA ALA A 133 -15.12 0.73 28.49
C ALA A 133 -16.24 0.71 27.46
N ARG A 134 -15.99 1.23 26.26
CA ARG A 134 -17.01 1.17 25.21
C ARG A 134 -17.38 -0.27 24.91
N VAL A 135 -16.38 -1.13 24.73
CA VAL A 135 -16.67 -2.55 24.57
C VAL A 135 -17.53 -3.03 25.74
N ALA A 136 -17.13 -2.68 26.96
CA ALA A 136 -17.87 -3.14 28.13
C ALA A 136 -19.32 -2.68 28.07
N HIS A 137 -19.54 -1.42 27.71
CA HIS A 137 -20.90 -0.93 27.55
C HIS A 137 -21.70 -1.91 26.69
N ARG A 138 -21.21 -2.17 25.47
CA ARG A 138 -21.93 -3.07 24.58
C ARG A 138 -22.07 -4.45 25.21
N LEU A 139 -21.01 -4.95 25.83
CA LEU A 139 -21.10 -6.25 26.51
C LEU A 139 -22.29 -6.25 27.45
N ALA A 140 -22.38 -5.23 28.30
CA ALA A 140 -23.42 -5.21 29.32
C ALA A 140 -24.81 -5.07 28.71
N MET A 141 -24.92 -4.51 27.51
CA MET A 141 -26.23 -4.48 26.85
C MET A 141 -26.54 -5.82 26.18
N ASP A 142 -25.53 -6.49 25.63
CA ASP A 142 -25.80 -7.70 24.85
C ASP A 142 -25.98 -8.93 25.73
N TYR A 143 -25.41 -8.92 26.93
CA TYR A 143 -25.44 -10.07 27.83
C TYR A 143 -25.60 -9.58 29.26
N PRO A 144 -26.73 -8.94 29.58
CA PRO A 144 -26.86 -8.33 30.91
C PRO A 144 -26.78 -9.34 32.05
N ALA A 145 -27.14 -10.59 31.80
CA ALA A 145 -27.11 -11.60 32.86
C ALA A 145 -25.69 -11.97 33.25
N SER A 146 -24.69 -11.63 32.43
CA SER A 146 -23.31 -11.98 32.74
C SER A 146 -22.57 -10.90 33.50
N VAL A 147 -22.99 -9.64 33.41
CA VAL A 147 -22.28 -8.52 34.01
C VAL A 147 -22.96 -8.14 35.31
N GLN A 148 -22.24 -8.30 36.43
CA GLN A 148 -22.80 -8.00 37.73
C GLN A 148 -22.73 -6.51 38.03
N ARG A 149 -21.54 -5.92 37.91
CA ARG A 149 -21.33 -4.50 38.12
C ARG A 149 -20.44 -3.97 37.01
N LEU A 150 -20.48 -2.66 36.81
CA LEU A 150 -19.75 -2.02 35.72
C LEU A 150 -19.06 -0.77 36.26
N VAL A 151 -17.76 -0.66 36.01
CA VAL A 151 -16.99 0.54 36.32
C VAL A 151 -16.33 1.01 35.03
N LEU A 152 -16.66 2.22 34.58
CA LEU A 152 -16.17 2.75 33.31
C LEU A 152 -15.37 4.02 33.57
N LEU A 153 -14.17 4.07 32.99
CA LEU A 153 -13.19 5.10 33.30
C LEU A 153 -13.03 6.04 32.11
N ASP A 154 -13.18 7.33 32.39
CA ASP A 154 -12.96 8.42 31.45
C ASP A 154 -13.58 8.14 30.09
N ILE A 155 -14.87 7.84 30.09
CA ILE A 155 -15.67 7.88 28.87
C ILE A 155 -17.07 8.39 29.18
N ALA A 156 -17.65 9.09 28.20
CA ALA A 156 -19.09 9.21 28.03
C ALA A 156 -19.52 8.33 26.86
N PRO A 157 -20.80 7.99 26.74
CA PRO A 157 -21.22 7.09 25.67
C PRO A 157 -20.78 7.59 24.29
N THR A 158 -20.35 6.66 23.45
CA THR A 158 -19.79 7.01 22.14
C THR A 158 -20.80 7.82 21.33
N LEU A 159 -22.07 7.41 21.35
CA LEU A 159 -23.08 8.06 20.53
C LEU A 159 -23.25 9.53 20.92
N ALA A 160 -23.38 9.78 22.22
CA ALA A 160 -23.49 11.18 22.68
C ALA A 160 -22.23 11.96 22.34
N MET A 161 -21.05 11.33 22.50
CA MET A 161 -19.81 12.05 22.27
C MET A 161 -19.65 12.45 20.81
N TYR A 162 -20.03 11.58 19.88
CA TYR A 162 -20.01 11.98 18.47
C TYR A 162 -21.09 13.02 18.18
N GLU A 163 -22.32 12.80 18.69
CA GLU A 163 -23.40 13.72 18.40
C GLU A 163 -23.08 15.13 18.91
N GLN A 164 -22.43 15.23 20.06
CA GLN A 164 -22.15 16.52 20.68
C GLN A 164 -20.78 17.05 20.29
N THR A 165 -20.21 16.57 19.21
CA THR A 165 -18.91 17.05 18.77
C THR A 165 -18.96 18.55 18.53
N GLY A 166 -18.00 19.26 19.12
CA GLY A 166 -17.79 20.66 18.81
C GLY A 166 -16.30 20.91 18.55
N GLU A 167 -15.98 22.19 18.32
CA GLU A 167 -14.62 22.55 17.98
C GLU A 167 -13.61 21.99 19.00
N ALA A 168 -13.88 22.19 20.29
CA ALA A 168 -12.92 21.79 21.31
C ALA A 168 -12.66 20.29 21.26
N PHE A 169 -13.72 19.49 21.19
CA PHE A 169 -13.56 18.04 21.16
C PHE A 169 -12.79 17.61 19.93
N ALA A 170 -13.17 18.12 18.75
CA ALA A 170 -12.49 17.72 17.52
C ALA A 170 -11.03 18.12 17.52
N ARG A 171 -10.71 19.28 18.11
CA ARG A 171 -9.31 19.69 18.22
C ARG A 171 -8.54 18.74 19.13
N ALA A 172 -9.11 18.39 20.29
CA ALA A 172 -8.38 17.58 21.26
C ALA A 172 -8.38 16.10 20.89
N TYR A 173 -9.56 15.52 20.69
CA TYR A 173 -9.67 14.12 20.26
C TYR A 173 -9.66 14.03 18.74
N TRP A 174 -8.63 14.62 18.12
CA TRP A 174 -8.53 14.64 16.67
C TRP A 174 -8.57 13.24 16.08
N HIS A 175 -8.06 12.25 16.82
CA HIS A 175 -7.96 10.90 16.27
C HIS A 175 -9.34 10.31 16.03
N TRP A 176 -10.34 10.67 16.86
CA TRP A 176 -11.70 10.23 16.61
C TRP A 176 -12.18 10.59 15.21
N PHE A 177 -11.52 11.53 14.54
CA PHE A 177 -11.88 11.91 13.18
C PHE A 177 -10.77 11.63 12.18
N PHE A 178 -9.57 11.26 12.64
CA PHE A 178 -8.52 10.84 11.72
C PHE A 178 -8.51 9.33 11.55
N LEU A 179 -8.56 8.59 12.66
CA LEU A 179 -8.47 7.14 12.59
C LEU A 179 -9.67 6.51 11.91
N ILE A 180 -10.79 7.23 11.80
CA ILE A 180 -11.96 6.66 11.15
C ILE A 180 -11.92 6.79 9.64
N GLN A 181 -10.98 7.56 9.10
CA GLN A 181 -10.91 7.75 7.66
C GLN A 181 -10.60 6.42 6.98
N PRO A 182 -10.99 6.25 5.71
CA PRO A 182 -10.83 4.95 5.06
C PRO A 182 -9.37 4.52 4.98
N ALA A 183 -9.14 3.23 5.19
CA ALA A 183 -7.80 2.68 5.00
C ALA A 183 -7.30 2.99 3.58
N PRO A 184 -5.99 3.15 3.39
CA PRO A 184 -4.91 2.89 4.34
C PRO A 184 -4.28 4.12 5.01
N LEU A 185 -4.99 5.25 5.04
CA LEU A 185 -4.44 6.53 5.49
C LEU A 185 -3.96 6.50 6.93
N PRO A 186 -4.88 6.36 7.89
CA PRO A 186 -4.44 6.37 9.30
C PRO A 186 -3.42 5.29 9.59
N GLU A 187 -3.55 4.14 8.92
CA GLU A 187 -2.53 3.10 9.06
C GLU A 187 -1.18 3.60 8.60
N ARG A 188 -1.12 4.35 7.49
CA ARG A 188 0.16 4.90 7.07
C ARG A 188 0.77 5.73 8.19
N LEU A 189 -0.04 6.62 8.79
CA LEU A 189 0.52 7.41 9.89
C LEU A 189 1.07 6.50 10.98
N ILE A 190 0.25 5.57 11.48
CA ILE A 190 0.66 4.81 12.66
C ILE A 190 1.92 4.00 12.36
N GLU A 191 1.94 3.31 11.21
CA GLU A 191 3.03 2.41 10.89
C GLU A 191 4.30 3.12 10.44
N ALA A 192 4.20 4.40 10.04
CA ALA A 192 5.41 5.15 9.72
C ALA A 192 6.33 5.27 10.92
N ASP A 193 5.77 5.34 12.13
CA ASP A 193 6.57 5.41 13.35
C ASP A 193 5.67 5.10 14.54
N PRO A 194 5.47 3.82 14.86
CA PRO A 194 4.51 3.49 15.93
C PRO A 194 4.93 3.99 17.30
N ALA A 195 6.22 3.89 17.64
CA ALA A 195 6.66 4.39 18.94
C ALA A 195 6.37 5.88 19.08
N ALA A 196 6.68 6.65 18.04
CA ALA A 196 6.37 8.08 18.05
C ALA A 196 4.87 8.29 18.19
N TYR A 197 4.06 7.42 17.57
CA TYR A 197 2.62 7.54 17.69
C TYR A 197 2.17 7.40 19.15
N VAL A 198 2.64 6.34 19.81
CA VAL A 198 2.29 6.16 21.22
C VAL A 198 2.71 7.39 22.01
N ARG A 199 3.95 7.85 21.81
CA ARG A 199 4.44 8.97 22.61
C ARG A 199 3.62 10.23 22.39
N GLU A 200 3.21 10.49 21.15
CA GLU A 200 2.49 11.73 20.87
C GLU A 200 1.04 11.66 21.31
N ILE A 201 0.40 10.50 21.14
CA ILE A 201 -0.97 10.33 21.59
C ILE A 201 -1.04 10.47 23.11
N MET A 202 -0.09 9.88 23.83
CA MET A 202 -0.20 9.85 25.29
C MET A 202 0.44 11.05 25.98
N GLY A 203 1.56 11.56 25.46
CA GLY A 203 2.27 12.62 26.12
C GLY A 203 1.76 14.02 25.83
N ARG A 204 0.92 14.18 24.83
CA ARG A 204 0.34 15.47 24.49
C ARG A 204 -0.91 15.78 25.29
N ARG A 205 -1.36 14.85 26.12
CA ARG A 205 -2.49 15.09 27.01
C ARG A 205 -2.02 15.82 28.27
N SER A 206 -2.95 16.04 29.19
CA SER A 206 -2.72 16.98 30.29
C SER A 206 -1.54 16.58 31.19
N ALA A 207 -1.39 15.30 31.46
CA ALA A 207 -0.39 14.86 32.43
C ALA A 207 0.95 14.56 31.78
N GLY A 208 1.03 14.64 30.46
CA GLY A 208 2.24 14.30 29.77
C GLY A 208 2.60 12.84 29.94
N LEU A 209 3.88 12.56 29.79
CA LEU A 209 4.41 11.22 29.91
C LEU A 209 4.78 10.87 31.34
N ALA A 210 4.62 11.81 32.27
CA ALA A 210 5.03 11.58 33.65
C ALA A 210 4.41 10.34 34.29
N PRO A 211 3.11 10.07 34.15
CA PRO A 211 2.50 8.98 34.92
C PRO A 211 2.78 7.57 34.41
N PHE A 212 3.59 7.39 33.38
CA PHE A 212 3.72 6.08 32.75
C PHE A 212 5.03 5.41 33.15
N ASP A 213 4.90 4.28 33.82
CA ASP A 213 6.03 3.45 34.19
C ASP A 213 6.82 3.07 32.94
N PRO A 214 8.16 3.05 32.99
CA PRO A 214 8.93 2.68 31.79
C PRO A 214 8.54 1.32 31.22
N ARG A 215 8.36 0.30 32.07
CA ARG A 215 7.99 -1.02 31.56
C ARG A 215 6.66 -0.96 30.81
N ALA A 216 5.69 -0.18 31.32
CA ALA A 216 4.39 -0.09 30.69
C ALA A 216 4.48 0.59 29.33
N LEU A 217 5.21 1.70 29.26
CA LEU A 217 5.39 2.39 27.99
C LEU A 217 6.05 1.46 26.97
N ALA A 218 7.08 0.72 27.40
CA ALA A 218 7.73 -0.23 26.50
C ALA A 218 6.75 -1.27 26.00
N GLU A 219 5.85 -1.74 26.87
CA GLU A 219 4.85 -2.72 26.43
C GLU A 219 3.93 -2.11 25.38
N TYR A 220 3.44 -0.89 25.62
CA TYR A 220 2.53 -0.27 24.66
C TYR A 220 3.20 -0.18 23.29
N GLN A 221 4.47 0.22 23.27
CA GLN A 221 5.16 0.41 22.00
C GLN A 221 5.46 -0.93 21.33
N ARG A 222 5.90 -1.93 22.10
CA ARG A 222 6.15 -3.24 21.52
C ARG A 222 4.88 -3.79 20.87
N CYS A 223 3.77 -3.74 21.59
CA CYS A 223 2.55 -4.36 21.09
C CYS A 223 1.96 -3.56 19.93
N LEU A 224 2.09 -2.23 19.97
CA LEU A 224 1.56 -1.43 18.87
C LEU A 224 2.27 -1.74 17.56
N ALA A 225 3.53 -2.17 17.64
CA ALA A 225 4.31 -2.47 16.43
C ALA A 225 4.02 -3.84 15.83
N LEU A 226 3.27 -4.70 16.49
CA LEU A 226 2.98 -6.00 15.91
C LEU A 226 2.20 -5.83 14.61
N PRO A 227 2.49 -6.64 13.59
CA PRO A 227 1.80 -6.48 12.30
C PRO A 227 0.29 -6.62 12.44
N GLY A 228 -0.42 -5.78 11.68
CA GLY A 228 -1.87 -5.79 11.70
C GLY A 228 -2.49 -4.96 12.81
N SER A 229 -1.67 -4.38 13.70
CA SER A 229 -2.22 -3.63 14.83
C SER A 229 -2.89 -2.35 14.35
N ALA A 230 -2.21 -1.60 13.49
CA ALA A 230 -2.74 -0.31 13.04
C ALA A 230 -4.12 -0.48 12.43
N HIS A 231 -4.27 -1.45 11.53
CA HIS A 231 -5.55 -1.66 10.87
C HIS A 231 -6.62 -2.05 11.89
N GLY A 232 -6.27 -2.91 12.85
CA GLY A 232 -7.25 -3.32 13.84
C GLY A 232 -7.76 -2.16 14.68
N MET A 233 -6.84 -1.32 15.17
CA MET A 233 -7.24 -0.16 15.95
C MET A 233 -8.12 0.77 15.13
N CYS A 234 -7.71 1.04 13.88
CA CYS A 234 -8.52 1.90 13.03
C CYS A 234 -9.87 1.29 12.71
N GLU A 235 -9.96 -0.03 12.59
CA GLU A 235 -11.25 -0.68 12.36
C GLU A 235 -12.15 -0.53 13.58
N ASP A 236 -11.60 -0.66 14.78
CA ASP A 236 -12.35 -0.37 15.99
C ASP A 236 -12.96 1.02 15.91
N TYR A 237 -12.12 2.03 15.62
CA TYR A 237 -12.63 3.39 15.53
C TYR A 237 -13.69 3.53 14.43
N ARG A 238 -13.45 2.91 13.27
CA ARG A 238 -14.39 3.02 12.16
C ARG A 238 -15.75 2.45 12.52
N ALA A 239 -15.77 1.26 13.14
CA ALA A 239 -17.03 0.72 13.65
C ALA A 239 -17.68 1.67 14.63
N SER A 240 -16.89 2.27 15.52
CA SER A 240 -17.48 3.16 16.52
C SER A 240 -17.99 4.46 15.91
N ALA A 241 -17.62 4.76 14.68
CA ALA A 241 -18.23 5.84 13.92
C ALA A 241 -19.31 5.36 12.96
N GLY A 242 -19.62 4.06 12.95
CA GLY A 242 -20.64 3.53 12.06
C GLY A 242 -21.58 2.52 12.69
N ILE A 243 -21.31 1.23 12.44
CA ILE A 243 -22.23 0.17 12.86
C ILE A 243 -22.47 0.21 14.37
N ASP A 244 -21.42 0.47 15.15
CA ASP A 244 -21.60 0.58 16.60
C ASP A 244 -22.64 1.63 16.94
N LEU A 245 -22.63 2.76 16.24
CA LEU A 245 -23.61 3.80 16.51
C LEU A 245 -25.00 3.36 16.10
N ASP A 246 -25.12 2.53 15.06
CA ASP A 246 -26.42 1.93 14.75
C ASP A 246 -26.94 1.10 15.92
N HIS A 247 -26.09 0.23 16.47
CA HIS A 247 -26.54 -0.58 17.61
C HIS A 247 -26.93 0.31 18.80
N ASP A 248 -26.10 1.32 19.10
CA ASP A 248 -26.38 2.19 20.23
C ASP A 248 -27.67 2.98 20.01
N ARG A 249 -27.89 3.45 18.78
CA ARG A 249 -29.10 4.19 18.46
C ARG A 249 -30.34 3.31 18.57
N GLU A 250 -30.24 2.05 18.14
CA GLU A 250 -31.36 1.14 18.30
C GLU A 250 -31.72 0.98 19.78
N ASP A 251 -30.69 0.78 20.61
CA ASP A 251 -30.93 0.71 22.05
C ASP A 251 -31.66 1.96 22.52
N ARG A 252 -31.18 3.13 22.10
CA ARG A 252 -31.79 4.38 22.53
C ARG A 252 -33.25 4.46 22.10
N GLN A 253 -33.53 4.14 20.85
CA GLN A 253 -34.88 4.31 20.32
C GLN A 253 -35.86 3.36 20.98
N LEU A 254 -35.41 2.14 21.29
CA LEU A 254 -36.28 1.15 21.91
C LEU A 254 -36.31 1.26 23.43
N GLY A 255 -35.61 2.23 24.01
CA GLY A 255 -35.60 2.35 25.45
C GLY A 255 -34.82 1.28 26.17
N ARG A 256 -33.83 0.67 25.51
CA ARG A 256 -32.99 -0.35 26.12
C ARG A 256 -31.79 0.32 26.79
N ARG A 257 -31.62 0.05 28.08
CA ARG A 257 -30.61 0.71 28.91
C ARG A 257 -29.90 -0.31 29.79
N LEU A 258 -28.74 0.10 30.30
CA LEU A 258 -28.03 -0.72 31.28
C LEU A 258 -28.85 -0.88 32.55
N SER A 259 -29.03 -2.12 32.98
CA SER A 259 -29.82 -2.45 34.15
C SER A 259 -29.00 -2.64 35.42
N MET A 260 -27.74 -3.03 35.32
CA MET A 260 -26.95 -3.35 36.51
C MET A 260 -26.24 -2.11 37.03
N PRO A 261 -25.75 -2.16 38.27
CA PRO A 261 -25.09 -0.98 38.86
C PRO A 261 -23.87 -0.54 38.06
N LEU A 262 -23.77 0.78 37.88
CA LEU A 262 -22.73 1.41 37.07
C LEU A 262 -22.06 2.54 37.83
N LEU A 263 -20.74 2.51 37.88
CA LEU A 263 -19.91 3.57 38.42
C LEU A 263 -19.10 4.15 37.26
N VAL A 264 -19.16 5.48 37.11
CA VAL A 264 -18.45 6.17 36.04
C VAL A 264 -17.46 7.14 36.68
N LEU A 265 -16.19 6.99 36.34
CA LEU A 265 -15.13 7.87 36.83
C LEU A 265 -14.36 8.46 35.65
N TRP A 266 -14.21 9.77 35.64
CA TRP A 266 -13.46 10.46 34.60
C TRP A 266 -12.54 11.50 35.23
N GLY A 267 -11.51 11.88 34.46
CA GLY A 267 -10.51 12.80 34.96
C GLY A 267 -10.96 14.25 34.81
N GLU A 268 -10.92 14.99 35.93
CA GLU A 268 -11.31 16.39 35.91
C GLU A 268 -10.46 17.19 34.93
N GLU A 269 -9.24 16.72 34.66
CA GLU A 269 -8.30 17.44 33.80
C GLU A 269 -8.36 17.00 32.34
N GLY A 270 -9.30 16.13 31.98
CA GLY A 270 -9.33 15.55 30.65
C GLY A 270 -10.35 16.19 29.72
N VAL A 271 -10.33 15.70 28.48
CA VAL A 271 -11.20 16.25 27.43
C VAL A 271 -12.65 15.90 27.71
N VAL A 272 -12.91 14.69 28.20
CA VAL A 272 -14.28 14.26 28.45
C VAL A 272 -14.95 15.22 29.42
N HIS A 273 -14.23 15.57 30.50
CA HIS A 273 -14.77 16.51 31.47
C HIS A 273 -15.10 17.86 30.83
N ARG A 274 -14.20 18.37 29.97
CA ARG A 274 -14.41 19.71 29.44
C ARG A 274 -15.54 19.76 28.42
N CYS A 275 -15.73 18.69 27.64
CA CYS A 275 -16.56 18.76 26.45
C CYS A 275 -17.92 18.10 26.60
N PHE A 276 -18.18 17.42 27.72
CA PHE A 276 -19.45 16.75 27.90
C PHE A 276 -19.85 16.80 29.37
N ASP A 277 -21.06 16.33 29.65
CA ASP A 277 -21.58 16.13 31.01
C ASP A 277 -21.63 14.63 31.23
N PRO A 278 -20.53 14.01 31.69
CA PRO A 278 -20.47 12.53 31.65
C PRO A 278 -21.57 11.83 32.43
N LEU A 279 -21.81 12.28 33.67
CA LEU A 279 -22.80 11.59 34.50
C LEU A 279 -24.20 11.73 33.89
N ARG A 280 -24.53 12.91 33.37
CA ARG A 280 -25.83 13.06 32.72
C ARG A 280 -25.95 12.11 31.53
N GLU A 281 -24.91 12.07 30.68
CA GLU A 281 -24.98 11.22 29.49
C GLU A 281 -25.18 9.76 29.88
N TRP A 282 -24.54 9.32 30.96
CA TRP A 282 -24.73 7.94 31.39
C TRP A 282 -26.10 7.71 32.02
N GLN A 283 -26.66 8.71 32.70
CA GLN A 283 -28.00 8.54 33.26
C GLN A 283 -29.05 8.37 32.16
N LEU A 284 -28.80 8.88 30.96
CA LEU A 284 -29.73 8.72 29.86
C LEU A 284 -29.77 7.29 29.33
N VAL A 285 -28.67 6.54 29.48
CA VAL A 285 -28.56 5.21 28.90
C VAL A 285 -28.34 4.12 29.96
N ALA A 286 -28.49 4.45 31.24
CA ALA A 286 -28.34 3.47 32.29
C ALA A 286 -29.28 3.83 33.43
N ASP A 287 -29.83 2.80 34.09
CA ASP A 287 -30.86 3.01 35.09
C ASP A 287 -30.33 3.15 36.51
N ASP A 288 -29.11 2.68 36.77
CA ASP A 288 -28.54 2.64 38.12
C ASP A 288 -27.11 3.13 38.01
N VAL A 289 -26.93 4.44 38.09
CA VAL A 289 -25.68 5.10 37.75
C VAL A 289 -25.23 5.94 38.93
N ARG A 290 -23.93 5.90 39.22
CA ARG A 290 -23.28 6.80 40.15
C ARG A 290 -21.90 7.14 39.57
N GLY A 291 -21.43 8.35 39.85
CA GLY A 291 -20.12 8.72 39.35
C GLY A 291 -19.71 10.08 39.82
N ARG A 292 -18.48 10.45 39.47
CA ARG A 292 -17.88 11.71 39.89
C ARG A 292 -16.55 11.86 39.16
N PRO A 293 -16.03 13.09 39.06
CA PRO A 293 -14.68 13.28 38.54
C PRO A 293 -13.60 12.94 39.55
N LEU A 294 -12.44 12.59 39.02
CA LEU A 294 -11.24 12.36 39.82
C LEU A 294 -10.19 13.43 39.49
N ALA A 295 -9.31 13.68 40.46
CA ALA A 295 -8.27 14.71 40.32
C ALA A 295 -7.09 14.14 39.51
N CYS A 296 -7.34 13.98 38.21
CA CYS A 296 -6.32 13.46 37.30
C CYS A 296 -6.82 13.68 35.87
N GLY A 297 -6.07 13.16 34.91
CA GLY A 297 -6.40 13.21 33.50
C GLY A 297 -7.03 11.92 33.01
N HIS A 298 -6.82 11.63 31.73
CA HIS A 298 -7.46 10.49 31.08
C HIS A 298 -6.99 9.16 31.64
N TYR A 299 -5.67 8.99 31.80
CA TYR A 299 -5.08 7.70 32.13
C TYR A 299 -5.18 7.46 33.64
N ILE A 300 -6.43 7.23 34.07
CA ILE A 300 -6.74 7.18 35.49
C ILE A 300 -5.92 6.10 36.19
N ALA A 301 -5.93 4.88 35.66
CA ALA A 301 -5.34 3.75 36.38
C ALA A 301 -3.83 3.92 36.61
N GLU A 302 -3.17 4.74 35.81
CA GLU A 302 -1.74 4.98 35.97
C GLU A 302 -1.43 6.32 36.63
N GLU A 303 -2.24 7.34 36.40
CA GLU A 303 -2.00 8.62 37.04
C GLU A 303 -2.45 8.63 38.49
N ALA A 304 -3.60 8.01 38.80
CA ALA A 304 -4.18 8.04 40.14
C ALA A 304 -4.69 6.66 40.52
N PRO A 305 -3.78 5.70 40.76
CA PRO A 305 -4.24 4.34 41.10
C PRO A 305 -4.91 4.27 42.45
N ASP A 306 -4.38 5.01 43.44
CA ASP A 306 -4.95 4.96 44.77
C ASP A 306 -6.34 5.57 44.81
N ALA A 307 -6.53 6.70 44.11
CA ALA A 307 -7.86 7.30 44.03
C ALA A 307 -8.83 6.37 43.31
N LEU A 308 -8.38 5.74 42.23
CA LEU A 308 -9.21 4.78 41.51
C LEU A 308 -9.68 3.68 42.45
N LEU A 309 -8.74 3.10 43.21
CA LEU A 309 -9.12 2.01 44.12
C LEU A 309 -10.06 2.53 45.22
N ASP A 310 -9.75 3.68 45.81
CA ASP A 310 -10.63 4.25 46.82
C ASP A 310 -12.06 4.39 46.31
N ALA A 311 -12.21 4.84 45.07
CA ALA A 311 -13.55 5.06 44.53
C ALA A 311 -14.24 3.77 44.09
N ALA A 312 -13.49 2.78 43.60
CA ALA A 312 -14.10 1.63 42.94
C ALA A 312 -14.18 0.37 43.80
N LEU A 313 -13.25 0.14 44.72
CA LEU A 313 -13.30 -1.09 45.50
C LEU A 313 -14.59 -1.23 46.28
N PRO A 314 -15.08 -0.22 47.00
CA PRO A 314 -16.35 -0.39 47.73
C PRO A 314 -17.47 -0.87 46.79
N PHE A 315 -17.59 -0.22 45.64
CA PHE A 315 -18.63 -0.52 44.67
C PHE A 315 -18.52 -1.95 44.13
N LEU A 316 -17.30 -2.36 43.74
CA LEU A 316 -17.12 -3.68 43.17
C LEU A 316 -17.24 -4.78 44.21
N LEU A 317 -16.99 -4.46 45.48
CA LEU A 317 -17.02 -5.44 46.54
C LEU A 317 -18.43 -5.65 47.07
N GLN A 318 -19.31 -4.65 46.99
CA GLN A 318 -20.69 -4.92 47.36
C GLN A 318 -21.40 -5.86 46.38
N ALA A 319 -20.87 -6.04 45.17
CA ALA A 319 -21.48 -6.97 44.20
C ALA A 319 -21.74 -8.33 44.83
N SER B 19 -14.49 16.45 -21.04
CA SER B 19 -13.98 17.84 -20.81
C SER B 19 -12.46 17.94 -20.98
N HIS B 20 -11.69 17.60 -19.95
CA HIS B 20 -10.24 17.72 -20.06
C HIS B 20 -9.72 16.68 -21.05
N MET B 21 -8.83 17.11 -21.93
CA MET B 21 -8.21 16.27 -22.94
C MET B 21 -6.70 16.51 -22.92
N HIS B 22 -5.94 15.45 -23.20
CA HIS B 22 -4.49 15.62 -23.34
C HIS B 22 -4.15 16.69 -24.37
N THR B 23 -5.05 16.96 -25.30
CA THR B 23 -4.81 17.90 -26.37
C THR B 23 -5.03 19.35 -25.96
N ASP B 24 -5.73 19.59 -24.86
CA ASP B 24 -5.95 20.97 -24.42
C ASP B 24 -4.62 21.67 -24.21
N PRO B 25 -4.53 22.97 -24.50
CA PRO B 25 -3.26 23.67 -24.29
C PRO B 25 -2.97 23.88 -22.82
N TRP B 26 -1.67 23.99 -22.50
CA TRP B 26 -1.23 24.18 -21.13
C TRP B 26 -0.68 25.60 -20.96
N MET B 27 -1.40 26.44 -20.20
CA MET B 27 -0.98 27.80 -19.91
C MET B 27 -0.58 28.57 -21.16
N PRO B 28 -1.37 28.51 -22.23
CA PRO B 28 -1.02 29.25 -23.45
C PRO B 28 -0.94 30.75 -23.20
N GLY B 29 0.16 31.36 -23.64
CA GLY B 29 0.34 32.78 -23.53
C GLY B 29 0.96 33.26 -22.23
N LEU B 30 1.16 32.39 -21.26
CA LEU B 30 1.66 32.78 -19.96
C LEU B 30 3.11 32.34 -19.81
N ARG B 31 3.88 33.13 -19.06
CA ARG B 31 5.27 32.79 -18.76
C ARG B 31 5.46 32.71 -17.24
N GLN B 32 6.22 31.69 -16.83
CA GLN B 32 6.46 31.50 -15.41
C GLN B 32 7.48 32.52 -14.92
N GLN B 33 7.26 33.05 -13.72
CA GLN B 33 8.11 34.08 -13.15
C GLN B 33 8.27 33.82 -11.66
N ARG B 34 9.45 34.13 -11.12
CA ARG B 34 9.72 34.06 -9.69
C ARG B 34 9.98 35.48 -9.19
N ILE B 35 9.22 35.89 -8.17
CA ILE B 35 9.28 37.26 -7.65
C ILE B 35 9.58 37.21 -6.16
N THR B 36 10.65 37.88 -5.75
CA THR B 36 10.98 37.98 -4.33
C THR B 36 9.96 38.88 -3.64
N VAL B 37 9.19 38.31 -2.71
CA VAL B 37 8.22 39.08 -1.94
C VAL B 37 8.57 39.15 -0.46
N ASP B 38 9.46 38.29 0.03
CA ASP B 38 9.90 38.42 1.41
C ASP B 38 11.34 37.96 1.48
N ASP B 39 11.94 38.16 2.65
CA ASP B 39 13.36 37.83 2.83
C ASP B 39 13.56 36.33 2.69
N GLY B 40 14.23 35.93 1.61
CA GLY B 40 14.39 34.53 1.28
C GLY B 40 13.13 33.83 0.83
N VAL B 41 12.11 34.58 0.44
CA VAL B 41 10.85 34.01 -0.02
C VAL B 41 10.53 34.60 -1.39
N GLU B 42 10.54 33.74 -2.40
CA GLU B 42 10.17 34.04 -3.78
C GLU B 42 8.84 33.37 -4.07
N ILE B 43 8.02 34.05 -4.88
CA ILE B 43 6.72 33.54 -5.30
C ILE B 43 6.82 33.18 -6.77
N ASN B 44 6.54 31.92 -7.09
CA ASN B 44 6.46 31.50 -8.48
C ASN B 44 5.07 31.82 -9.00
N ALA B 45 5.00 32.39 -10.20
CA ALA B 45 3.71 32.76 -10.76
C ALA B 45 3.74 32.67 -12.28
N TRP B 46 2.57 32.34 -12.84
CA TRP B 46 2.35 32.38 -14.28
C TRP B 46 1.67 33.70 -14.61
N VAL B 47 2.33 34.55 -15.40
CA VAL B 47 1.83 35.88 -15.71
C VAL B 47 1.57 35.96 -17.20
N GLY B 48 0.44 36.55 -17.58
CA GLY B 48 0.15 36.73 -18.99
C GLY B 48 -1.08 37.59 -19.20
N GLY B 49 -1.51 37.63 -20.46
CA GLY B 49 -2.79 38.24 -20.81
C GLY B 49 -2.75 39.73 -21.06
N GLN B 50 -3.96 40.30 -21.09
CA GLN B 50 -4.18 41.70 -21.42
C GLN B 50 -5.45 42.19 -20.73
N GLY B 51 -5.42 43.45 -20.28
CA GLY B 51 -6.55 44.05 -19.60
C GLY B 51 -6.27 44.29 -18.13
N PRO B 52 -7.31 44.62 -17.36
CA PRO B 52 -7.12 44.87 -15.92
C PRO B 52 -6.51 43.65 -15.24
N ALA B 53 -5.83 43.90 -14.12
CA ALA B 53 -5.10 42.84 -13.43
C ALA B 53 -6.01 41.92 -12.64
N LEU B 54 -5.71 40.62 -12.70
CA LEU B 54 -6.47 39.59 -12.01
C LEU B 54 -5.52 38.59 -11.37
N LEU B 55 -5.54 38.51 -10.04
CA LEU B 55 -4.74 37.56 -9.27
C LEU B 55 -5.54 36.29 -9.02
N LEU B 56 -4.97 35.14 -9.39
CA LEU B 56 -5.59 33.84 -9.18
C LEU B 56 -4.79 33.07 -8.13
N VAL B 57 -5.49 32.58 -7.10
CA VAL B 57 -4.84 32.00 -5.93
C VAL B 57 -5.48 30.65 -5.63
N HIS B 58 -4.66 29.60 -5.65
CA HIS B 58 -5.08 28.23 -5.43
C HIS B 58 -5.16 27.92 -3.93
N GLY B 59 -5.48 26.66 -3.64
CA GLY B 59 -5.44 26.16 -2.27
C GLY B 59 -4.78 24.80 -2.15
N HIS B 60 -5.29 23.96 -1.26
CA HIS B 60 -4.69 22.71 -0.79
C HIS B 60 -5.36 21.49 -1.39
N PRO B 61 -4.61 20.45 -1.76
CA PRO B 61 -3.15 20.32 -1.77
C PRO B 61 -2.58 20.58 -3.18
N GLN B 62 -2.85 21.75 -3.74
CA GLN B 62 -2.63 21.98 -5.16
C GLN B 62 -1.70 23.15 -5.43
N THR B 63 -1.73 23.66 -6.67
CA THR B 63 -0.82 24.71 -7.09
C THR B 63 -1.57 25.63 -8.05
N SER B 64 -0.86 26.61 -8.60
CA SER B 64 -1.46 27.48 -9.61
C SER B 64 -2.02 26.68 -10.77
N ALA B 65 -1.50 25.47 -11.00
CA ALA B 65 -2.00 24.64 -12.09
C ALA B 65 -3.51 24.48 -12.06
N ILE B 66 -4.15 24.67 -10.89
CA ILE B 66 -5.58 24.43 -10.83
C ILE B 66 -6.33 25.30 -11.81
N TRP B 67 -5.74 26.43 -12.22
CA TRP B 67 -6.47 27.38 -13.06
C TRP B 67 -6.31 27.09 -14.54
N HIS B 68 -5.69 25.96 -14.90
CA HIS B 68 -5.36 25.74 -16.30
C HIS B 68 -6.60 25.61 -17.18
N ARG B 69 -7.77 25.31 -16.59
CA ARG B 69 -8.95 25.19 -17.43
C ARG B 69 -9.54 26.56 -17.76
N VAL B 70 -9.43 27.52 -16.84
CA VAL B 70 -10.07 28.82 -17.02
C VAL B 70 -9.10 29.92 -17.43
N ALA B 71 -7.80 29.73 -17.23
CA ALA B 71 -6.85 30.81 -17.49
C ALA B 71 -6.80 31.22 -18.97
N PRO B 72 -6.84 30.30 -19.94
CA PRO B 72 -6.80 30.74 -21.34
C PRO B 72 -7.89 31.75 -21.67
N ARG B 73 -9.11 31.49 -21.21
CA ARG B 73 -10.22 32.41 -21.46
CA ARG B 73 -10.22 32.42 -21.47
C ARG B 73 -10.01 33.73 -20.71
N LEU B 74 -9.68 33.64 -19.42
CA LEU B 74 -9.54 34.85 -18.62
C LEU B 74 -8.46 35.77 -19.18
N ALA B 75 -7.35 35.20 -19.64
CA ALA B 75 -6.26 35.98 -20.19
C ALA B 75 -6.68 36.78 -21.42
N GLN B 76 -7.83 36.46 -22.00
CA GLN B 76 -8.35 37.21 -23.13
C GLN B 76 -8.86 38.58 -22.72
N GLN B 77 -9.24 38.75 -21.45
CA GLN B 77 -9.78 40.01 -20.97
C GLN B 77 -9.08 40.56 -19.73
N PHE B 78 -8.18 39.80 -19.11
CA PHE B 78 -7.45 40.26 -17.94
C PHE B 78 -5.97 39.96 -18.11
N THR B 79 -5.15 40.78 -17.46
CA THR B 79 -3.75 40.44 -17.20
C THR B 79 -3.73 39.54 -15.97
N VAL B 80 -3.55 38.23 -16.19
CA VAL B 80 -3.68 37.24 -15.14
C VAL B 80 -2.33 36.94 -14.50
N VAL B 81 -2.37 36.71 -13.18
CA VAL B 81 -1.23 36.35 -12.37
C VAL B 81 -1.66 35.15 -11.52
N LEU B 82 -1.23 33.95 -11.92
CA LEU B 82 -1.58 32.72 -11.22
C LEU B 82 -0.44 32.44 -10.24
N ALA B 83 -0.69 32.64 -8.96
CA ALA B 83 0.38 32.64 -7.97
C ALA B 83 0.43 31.33 -7.19
N ASP B 84 1.65 30.85 -6.95
CA ASP B 84 1.89 29.73 -6.04
C ASP B 84 2.08 30.30 -4.63
N LEU B 85 1.19 29.91 -3.71
CA LEU B 85 1.35 30.30 -2.32
C LEU B 85 2.71 29.85 -1.78
N ARG B 86 3.20 30.56 -0.78
CA ARG B 86 4.41 30.11 -0.10
C ARG B 86 4.13 28.76 0.55
N GLY B 87 5.09 27.85 0.45
CA GLY B 87 4.90 26.48 0.87
C GLY B 87 4.30 25.57 -0.17
N TYR B 88 3.84 26.13 -1.29
CA TYR B 88 3.14 25.36 -2.31
C TYR B 88 3.80 25.57 -3.67
N GLY B 89 3.49 24.68 -4.60
CA GLY B 89 4.00 24.83 -5.96
C GLY B 89 5.50 24.94 -5.98
N ASP B 90 6.01 25.88 -6.77
CA ASP B 90 7.44 26.15 -6.87
C ASP B 90 7.86 27.39 -6.09
N SER B 91 7.03 27.87 -5.16
CA SER B 91 7.43 29.00 -4.35
C SER B 91 8.34 28.52 -3.21
N SER B 92 8.93 29.48 -2.51
CA SER B 92 9.80 29.14 -1.39
C SER B 92 9.02 28.42 -0.30
N ARG B 93 9.75 27.66 0.51
CA ARG B 93 9.19 26.94 1.65
C ARG B 93 9.95 27.35 2.91
N PRO B 94 9.74 28.58 3.38
CA PRO B 94 10.44 29.05 4.59
C PRO B 94 10.10 28.20 5.80
N ALA B 95 10.96 28.31 6.81
CA ALA B 95 10.74 27.60 8.06
C ALA B 95 9.49 28.13 8.77
N GLY B 96 8.93 27.28 9.62
CA GLY B 96 7.84 27.67 10.50
C GLY B 96 8.36 28.40 11.72
N ASP B 97 7.47 28.63 12.67
CA ASP B 97 7.78 29.31 13.90
C ASP B 97 6.70 29.01 14.92
N PRO B 98 7.01 29.10 16.21
CA PRO B 98 6.04 28.66 17.23
C PRO B 98 4.67 29.30 17.10
N GLU B 99 4.60 30.57 16.72
CA GLU B 99 3.30 31.23 16.60
C GLU B 99 2.69 31.08 15.21
N HIS B 100 3.43 30.50 14.26
CA HIS B 100 2.94 30.25 12.90
C HIS B 100 2.69 31.56 12.16
N VAL B 101 3.53 32.56 12.42
CA VAL B 101 3.45 33.83 11.69
C VAL B 101 3.89 33.65 10.24
N ASN B 102 4.90 32.81 10.00
CA ASN B 102 5.48 32.71 8.67
C ASN B 102 4.48 32.22 7.64
N TYR B 103 3.47 31.45 8.06
CA TYR B 103 2.42 31.00 7.16
C TYR B 103 1.05 31.52 7.59
N SER B 104 1.01 32.58 8.40
CA SER B 104 -0.26 33.23 8.71
C SER B 104 -0.86 33.80 7.43
N LYS B 105 -2.18 33.93 7.42
CA LYS B 105 -2.83 34.51 6.24
C LYS B 105 -2.41 35.97 6.03
N ARG B 106 -2.08 36.69 7.10
CA ARG B 106 -1.57 38.04 6.94
C ARG B 106 -0.27 38.03 6.14
N THR B 107 0.66 37.14 6.49
CA THR B 107 1.94 37.08 5.79
C THR B 107 1.74 36.68 4.33
N MET B 108 0.93 35.64 4.07
CA MET B 108 0.72 35.19 2.70
C MET B 108 0.00 36.24 1.86
N ALA B 109 -0.91 37.00 2.48
CA ALA B 109 -1.59 38.08 1.76
C ALA B 109 -0.61 39.19 1.42
N ARG B 110 0.30 39.52 2.35
CA ARG B 110 1.33 40.51 2.03
C ARG B 110 2.23 40.00 0.91
N ASP B 111 2.56 38.70 0.93
CA ASP B 111 3.27 38.10 -0.20
C ASP B 111 2.58 38.45 -1.52
N LEU B 112 1.28 38.23 -1.60
CA LEU B 112 0.59 38.41 -2.87
C LEU B 112 0.46 39.88 -3.24
N LEU B 113 0.21 40.75 -2.25
CA LEU B 113 0.20 42.18 -2.50
C LEU B 113 1.52 42.61 -3.13
N ARG B 114 2.63 42.21 -2.51
CA ARG B 114 3.94 42.57 -3.04
C ARG B 114 4.19 41.95 -4.41
N LEU B 115 3.73 40.72 -4.62
CA LEU B 115 3.84 40.10 -5.94
C LEU B 115 3.20 40.98 -6.99
N MET B 116 1.94 41.35 -6.79
CA MET B 116 1.24 42.18 -7.77
C MET B 116 1.94 43.54 -7.92
N ALA B 117 2.44 44.09 -6.81
CA ALA B 117 3.12 45.38 -6.87
C ALA B 117 4.35 45.29 -7.77
N ARG B 118 5.19 44.27 -7.55
CA ARG B 118 6.43 44.15 -8.30
C ARG B 118 6.17 43.88 -9.78
N LEU B 119 5.03 43.25 -10.10
CA LEU B 119 4.62 43.07 -11.48
C LEU B 119 3.92 44.30 -12.04
N GLY B 120 3.83 45.38 -11.27
CA GLY B 120 3.28 46.62 -11.77
C GLY B 120 1.80 46.83 -11.56
N HIS B 121 1.17 46.11 -10.63
CA HIS B 121 -0.27 46.18 -10.43
C HIS B 121 -0.56 46.58 -8.99
N GLU B 122 -0.91 47.85 -8.79
CA GLU B 122 -1.31 48.35 -7.48
C GLU B 122 -2.79 48.14 -7.20
N HIS B 123 -3.61 47.94 -8.22
CA HIS B 123 -5.02 47.63 -8.05
C HIS B 123 -5.34 46.41 -8.92
N PHE B 124 -6.08 45.46 -8.35
CA PHE B 124 -6.33 44.21 -9.05
C PHE B 124 -7.59 43.55 -8.50
N SER B 125 -8.17 42.67 -9.30
CA SER B 125 -9.22 41.77 -8.86
C SER B 125 -8.61 40.44 -8.41
N VAL B 126 -9.39 39.64 -7.70
CA VAL B 126 -8.90 38.38 -7.15
C VAL B 126 -9.93 37.27 -7.37
N LEU B 127 -9.45 36.14 -7.89
CA LEU B 127 -10.20 34.88 -7.96
C LEU B 127 -9.41 33.82 -7.21
N ALA B 128 -10.00 33.27 -6.16
CA ALA B 128 -9.25 32.40 -5.27
C ALA B 128 -10.11 31.25 -4.77
N HIS B 129 -9.42 30.18 -4.37
CA HIS B 129 -10.03 28.92 -4.01
C HIS B 129 -9.36 28.36 -2.77
N ASP B 130 -10.16 27.80 -1.87
CA ASP B 130 -9.62 26.99 -0.76
C ASP B 130 -8.66 27.85 0.04
N ARG B 131 -7.46 27.37 0.40
CA ARG B 131 -6.54 28.20 1.17
C ARG B 131 -6.36 29.57 0.52
N GLY B 132 -6.19 29.58 -0.80
CA GLY B 132 -6.01 30.84 -1.50
C GLY B 132 -7.12 31.83 -1.23
N ALA B 133 -8.38 31.36 -1.22
CA ALA B 133 -9.50 32.24 -0.92
C ALA B 133 -9.40 32.82 0.48
N ARG B 134 -8.98 32.02 1.47
CA ARG B 134 -8.77 32.53 2.83
C ARG B 134 -7.68 33.60 2.85
N VAL B 135 -6.56 33.34 2.17
CA VAL B 135 -5.55 34.37 2.00
C VAL B 135 -6.17 35.63 1.41
N ALA B 136 -7.02 35.45 0.38
CA ALA B 136 -7.65 36.57 -0.29
C ALA B 136 -8.53 37.37 0.66
N HIS B 137 -9.31 36.67 1.50
CA HIS B 137 -10.09 37.35 2.52
C HIS B 137 -9.21 38.27 3.35
N ARG B 138 -8.12 37.72 3.90
CA ARG B 138 -7.24 38.54 4.72
C ARG B 138 -6.63 39.67 3.90
N LEU B 139 -6.20 39.39 2.67
CA LEU B 139 -5.64 40.42 1.80
C LEU B 139 -6.61 41.59 1.64
N ALA B 140 -7.88 41.27 1.31
CA ALA B 140 -8.86 42.31 1.07
C ALA B 140 -9.21 43.06 2.35
N MET B 141 -8.99 42.45 3.52
CA MET B 141 -9.19 43.19 4.75
C MET B 141 -8.00 44.10 5.08
N ASP B 142 -6.77 43.64 4.82
CA ASP B 142 -5.59 44.40 5.21
C ASP B 142 -5.22 45.48 4.22
N TYR B 143 -5.65 45.36 2.96
CA TYR B 143 -5.29 46.32 1.91
C TYR B 143 -6.50 46.54 1.01
N PRO B 144 -7.58 47.10 1.56
CA PRO B 144 -8.81 47.24 0.76
C PRO B 144 -8.65 48.12 -0.46
N ALA B 145 -7.74 49.09 -0.44
CA ALA B 145 -7.57 49.99 -1.58
C ALA B 145 -6.93 49.29 -2.78
N SER B 146 -6.30 48.13 -2.57
CA SER B 146 -5.64 47.42 -3.66
C SER B 146 -6.55 46.40 -4.33
N VAL B 147 -7.58 45.94 -3.64
CA VAL B 147 -8.46 44.87 -4.14
C VAL B 147 -9.73 45.50 -4.66
N GLN B 148 -9.96 45.34 -5.97
CA GLN B 148 -11.13 45.93 -6.61
C GLN B 148 -12.37 45.05 -6.42
N ARG B 149 -12.27 43.78 -6.79
CA ARG B 149 -13.37 42.83 -6.66
C ARG B 149 -12.81 41.51 -6.14
N LEU B 150 -13.68 40.71 -5.55
CA LEU B 150 -13.23 39.46 -4.93
C LEU B 150 -14.19 38.35 -5.29
N VAL B 151 -13.65 37.23 -5.77
CA VAL B 151 -14.44 36.03 -6.02
C VAL B 151 -13.78 34.89 -5.24
N LEU B 152 -14.52 34.29 -4.31
CA LEU B 152 -14.01 33.27 -3.42
C LEU B 152 -14.78 31.99 -3.66
N LEU B 153 -14.04 30.89 -3.85
CA LEU B 153 -14.60 29.62 -4.31
C LEU B 153 -14.62 28.60 -3.17
N ASP B 154 -15.79 28.03 -2.94
CA ASP B 154 -16.01 26.96 -1.98
C ASP B 154 -15.30 27.19 -0.65
N ILE B 155 -15.58 28.33 -0.03
CA ILE B 155 -15.22 28.53 1.36
C ILE B 155 -16.28 29.35 2.05
N ALA B 156 -16.47 29.09 3.34
CA ALA B 156 -17.01 30.06 4.27
C ALA B 156 -15.87 30.58 5.14
N PRO B 157 -16.06 31.71 5.81
CA PRO B 157 -14.97 32.28 6.61
C PRO B 157 -14.43 31.27 7.63
N THR B 158 -13.10 31.28 7.80
CA THR B 158 -12.45 30.28 8.63
C THR B 158 -13.00 30.29 10.06
N LEU B 159 -13.21 31.48 10.62
CA LEU B 159 -13.62 31.59 12.02
C LEU B 159 -14.98 30.94 12.25
N ALA B 160 -15.95 31.26 11.40
CA ALA B 160 -17.27 30.65 11.54
C ALA B 160 -17.18 29.13 11.33
N MET B 161 -16.34 28.69 10.40
CA MET B 161 -16.24 27.27 10.11
C MET B 161 -15.69 26.50 11.30
N TYR B 162 -14.69 27.05 11.99
CA TYR B 162 -14.21 26.40 13.20
C TYR B 162 -15.22 26.51 14.34
N GLU B 163 -15.81 27.70 14.53
CA GLU B 163 -16.76 27.88 15.63
C GLU B 163 -17.96 26.95 15.48
N GLN B 164 -18.42 26.74 14.24
CA GLN B 164 -19.60 25.93 13.98
C GLN B 164 -19.28 24.47 13.68
N THR B 165 -18.11 23.99 14.12
CA THR B 165 -17.78 22.58 13.91
C THR B 165 -18.82 21.68 14.58
N GLY B 166 -19.29 20.68 13.82
CA GLY B 166 -20.11 19.61 14.36
C GLY B 166 -19.56 18.28 13.92
N GLU B 167 -20.31 17.23 14.27
CA GLU B 167 -19.89 15.88 13.92
C GLU B 167 -19.60 15.75 12.43
N ALA B 168 -20.52 16.22 11.59
CA ALA B 168 -20.39 16.06 10.14
C ALA B 168 -19.15 16.78 9.62
N PHE B 169 -18.94 18.03 10.03
CA PHE B 169 -17.80 18.79 9.53
C PHE B 169 -16.49 18.13 9.94
N ALA B 170 -16.36 17.76 11.22
CA ALA B 170 -15.13 17.12 11.66
C ALA B 170 -14.90 15.80 10.94
N ARG B 171 -15.97 15.08 10.62
CA ARG B 171 -15.82 13.85 9.86
C ARG B 171 -15.29 14.14 8.46
N ALA B 172 -15.86 15.13 7.78
CA ALA B 172 -15.52 15.38 6.38
C ALA B 172 -14.20 16.15 6.28
N TYR B 173 -14.10 17.29 6.94
CA TYR B 173 -12.86 18.07 6.93
C TYR B 173 -11.94 17.65 8.07
N TRP B 174 -11.64 16.34 8.13
CA TRP B 174 -10.81 15.79 9.18
C TRP B 174 -9.44 16.46 9.22
N HIS B 175 -8.93 16.89 8.07
CA HIS B 175 -7.58 17.46 8.04
C HIS B 175 -7.54 18.77 8.81
N TRP B 176 -8.65 19.53 8.83
CA TRP B 176 -8.73 20.74 9.65
C TRP B 176 -8.41 20.47 11.11
N PHE B 177 -8.45 19.22 11.54
CA PHE B 177 -8.11 18.86 12.91
C PHE B 177 -6.91 17.95 13.01
N PHE B 178 -6.41 17.45 11.89
CA PHE B 178 -5.18 16.66 11.88
C PHE B 178 -3.96 17.51 11.53
N LEU B 179 -4.07 18.32 10.47
CA LEU B 179 -2.92 19.11 10.03
C LEU B 179 -2.52 20.18 11.04
N ILE B 180 -3.42 20.54 11.97
CA ILE B 180 -3.09 21.54 12.97
C ILE B 180 -2.37 20.99 14.19
N GLN B 181 -2.32 19.67 14.35
CA GLN B 181 -1.67 19.11 15.52
C GLN B 181 -0.18 19.45 15.50
N PRO B 182 0.47 19.52 16.65
CA PRO B 182 1.87 19.98 16.69
C PRO B 182 2.79 19.08 15.87
N ALA B 183 3.74 19.70 15.19
CA ALA B 183 4.77 18.95 14.48
C ALA B 183 5.43 17.99 15.45
N PRO B 184 5.91 16.83 14.99
CA PRO B 184 6.03 16.43 13.59
C PRO B 184 4.96 15.47 13.06
N LEU B 185 3.81 15.39 13.71
CA LEU B 185 2.83 14.35 13.44
C LEU B 185 2.25 14.40 12.03
N PRO B 186 1.46 15.43 11.68
CA PRO B 186 0.89 15.44 10.32
C PRO B 186 1.98 15.44 9.24
N GLU B 187 3.12 16.06 9.50
CA GLU B 187 4.23 15.98 8.56
C GLU B 187 4.65 14.54 8.35
N ARG B 188 4.71 13.75 9.44
CA ARG B 188 5.05 12.35 9.29
C ARG B 188 4.08 11.68 8.34
N LEU B 189 2.78 11.90 8.54
CA LEU B 189 1.82 11.30 7.62
C LEU B 189 2.15 11.69 6.18
N ILE B 190 2.27 12.99 5.92
CA ILE B 190 2.36 13.45 4.55
C ILE B 190 3.62 12.92 3.88
N GLU B 191 4.76 12.97 4.60
CA GLU B 191 6.03 12.60 4.00
C GLU B 191 6.22 11.09 3.91
N ALA B 192 5.45 10.30 4.66
CA ALA B 192 5.52 8.85 4.50
C ALA B 192 5.15 8.42 3.09
N ASP B 193 4.22 9.14 2.44
CA ASP B 193 3.81 8.85 1.07
C ASP B 193 3.05 10.04 0.50
N PRO B 194 3.75 11.02 -0.08
CA PRO B 194 3.05 12.24 -0.52
C PRO B 194 2.07 12.00 -1.66
N ALA B 195 2.44 11.16 -2.63
CA ALA B 195 1.53 10.88 -3.74
C ALA B 195 0.23 10.29 -3.23
N ALA B 196 0.31 9.34 -2.30
CA ALA B 196 -0.89 8.79 -1.70
C ALA B 196 -1.69 9.86 -0.97
N TYR B 197 -1.01 10.81 -0.31
CA TYR B 197 -1.74 11.88 0.36
C TYR B 197 -2.56 12.68 -0.63
N VAL B 198 -1.94 13.12 -1.74
CA VAL B 198 -2.69 13.84 -2.76
C VAL B 198 -3.85 13.00 -3.28
N ARG B 199 -3.57 11.74 -3.63
CA ARG B 199 -4.58 10.90 -4.25
C ARG B 199 -5.77 10.69 -3.31
N GLU B 200 -5.49 10.51 -2.02
CA GLU B 200 -6.53 10.25 -1.04
C GLU B 200 -7.30 11.51 -0.66
N ILE B 201 -6.60 12.63 -0.55
CA ILE B 201 -7.23 13.90 -0.24
C ILE B 201 -8.17 14.32 -1.38
N MET B 202 -7.72 14.15 -2.63
CA MET B 202 -8.46 14.69 -3.76
C MET B 202 -9.46 13.70 -4.36
N GLY B 203 -9.12 12.41 -4.36
CA GLY B 203 -9.88 11.38 -5.04
C GLY B 203 -11.01 10.74 -4.30
N ARG B 204 -11.21 11.03 -3.02
CA ARG B 204 -12.24 10.31 -2.25
C ARG B 204 -13.62 10.79 -2.65
N ARG B 205 -14.12 10.20 -3.76
CA ARG B 205 -15.48 10.38 -4.30
C ARG B 205 -15.72 9.38 -5.45
N SER B 206 -16.92 9.48 -6.04
CA SER B 206 -17.39 8.48 -7.00
C SER B 206 -16.49 8.40 -8.24
N ALA B 207 -16.04 9.55 -8.74
CA ALA B 207 -15.26 9.58 -9.99
C ALA B 207 -13.77 9.51 -9.74
N GLY B 208 -13.33 9.55 -8.48
CA GLY B 208 -11.90 9.51 -8.27
C GLY B 208 -11.18 10.71 -8.84
N LEU B 209 -9.94 10.47 -9.27
CA LEU B 209 -9.06 11.50 -9.82
C LEU B 209 -9.29 11.74 -11.31
N ALA B 210 -10.26 11.04 -11.92
CA ALA B 210 -10.55 11.26 -13.33
C ALA B 210 -10.80 12.72 -13.68
N PRO B 211 -11.46 13.53 -12.82
CA PRO B 211 -11.81 14.89 -13.24
C PRO B 211 -10.64 15.84 -13.33
N PHE B 212 -9.42 15.39 -13.02
CA PHE B 212 -8.23 16.24 -13.00
C PHE B 212 -7.37 15.86 -14.20
N ASP B 213 -7.04 16.85 -15.02
CA ASP B 213 -6.15 16.63 -16.14
C ASP B 213 -4.87 15.95 -15.65
N PRO B 214 -4.33 14.97 -16.38
CA PRO B 214 -3.11 14.29 -15.90
C PRO B 214 -1.97 15.24 -15.58
N ARG B 215 -1.73 16.23 -16.43
CA ARG B 215 -0.66 17.19 -16.16
C ARG B 215 -0.87 17.90 -14.83
N ALA B 216 -2.13 18.25 -14.51
CA ALA B 216 -2.40 18.97 -13.26
C ALA B 216 -2.14 18.09 -12.04
N LEU B 217 -2.62 16.84 -12.07
CA LEU B 217 -2.33 15.93 -10.97
C LEU B 217 -0.84 15.71 -10.80
N ALA B 218 -0.13 15.54 -11.92
CA ALA B 218 1.32 15.36 -11.86
C ALA B 218 1.97 16.58 -11.22
N GLU B 219 1.48 17.77 -11.53
CA GLU B 219 2.04 18.98 -10.92
C GLU B 219 1.81 18.99 -9.42
N TYR B 220 0.58 18.71 -8.98
CA TYR B 220 0.31 18.72 -7.54
C TYR B 220 1.21 17.73 -6.83
N GLN B 221 1.39 16.53 -7.40
CA GLN B 221 2.19 15.52 -6.73
C GLN B 221 3.68 15.86 -6.75
N ARG B 222 4.20 16.35 -7.88
CA ARG B 222 5.59 16.78 -7.90
C ARG B 222 5.84 17.86 -6.85
N CYS B 223 4.97 18.86 -6.80
CA CYS B 223 5.24 20.00 -5.92
C CYS B 223 5.07 19.65 -4.45
N LEU B 224 4.07 18.82 -4.12
CA LEU B 224 3.92 18.42 -2.73
C LEU B 224 5.11 17.61 -2.23
N ALA B 225 5.78 16.90 -3.14
CA ALA B 225 6.91 16.07 -2.76
C ALA B 225 8.20 16.85 -2.56
N LEU B 226 8.21 18.14 -2.91
CA LEU B 226 9.43 18.93 -2.70
C LEU B 226 9.75 19.01 -1.22
N PRO B 227 11.03 19.00 -0.84
CA PRO B 227 11.38 19.05 0.59
C PRO B 227 10.83 20.30 1.26
N GLY B 228 10.38 20.12 2.51
CA GLY B 228 9.83 21.21 3.28
C GLY B 228 8.37 21.52 3.03
N SER B 229 7.72 20.81 2.10
CA SER B 229 6.35 21.12 1.74
C SER B 229 5.38 20.77 2.87
N ALA B 230 5.53 19.57 3.44
CA ALA B 230 4.60 19.13 4.47
C ALA B 230 4.54 20.13 5.62
N HIS B 231 5.70 20.57 6.11
CA HIS B 231 5.72 21.50 7.23
C HIS B 231 5.10 22.84 6.86
N GLY B 232 5.35 23.34 5.65
CA GLY B 232 4.73 24.61 5.26
C GLY B 232 3.22 24.53 5.23
N MET B 233 2.68 23.45 4.62
CA MET B 233 1.23 23.29 4.57
C MET B 233 0.64 23.18 5.96
N CYS B 234 1.27 22.37 6.83
CA CYS B 234 0.79 22.25 8.20
C CYS B 234 0.89 23.56 8.95
N GLU B 235 1.90 24.38 8.66
CA GLU B 235 2.00 25.69 9.30
C GLU B 235 0.86 26.60 8.86
N ASP B 236 0.51 26.57 7.57
CA ASP B 236 -0.66 27.29 7.11
C ASP B 236 -1.90 26.91 7.94
N TYR B 237 -2.16 25.61 8.04
CA TYR B 237 -3.33 25.17 8.81
C TYR B 237 -3.22 25.58 10.28
N ARG B 238 -2.04 25.45 10.87
CA ARG B 238 -1.85 25.80 12.28
C ARG B 238 -2.16 27.27 12.51
N ALA B 239 -1.65 28.13 11.63
CA ALA B 239 -1.99 29.54 11.71
C ALA B 239 -3.49 29.74 11.62
N SER B 240 -4.15 28.99 10.73
CA SER B 240 -5.60 29.16 10.59
C SER B 240 -6.38 28.59 11.76
N ALA B 241 -5.76 27.81 12.64
CA ALA B 241 -6.39 27.42 13.90
C ALA B 241 -5.93 28.27 15.07
N GLY B 242 -5.08 29.27 14.85
CA GLY B 242 -4.59 30.12 15.91
C GLY B 242 -4.53 31.60 15.57
N ILE B 243 -3.34 32.08 15.19
CA ILE B 243 -3.11 33.51 15.01
C ILE B 243 -4.09 34.09 13.98
N ASP B 244 -4.34 33.36 12.89
CA ASP B 244 -5.29 33.86 11.90
C ASP B 244 -6.66 34.11 12.54
N LEU B 245 -7.08 33.23 13.45
CA LEU B 245 -8.35 33.40 14.11
C LEU B 245 -8.32 34.59 15.06
N ASP B 246 -7.17 34.87 15.68
CA ASP B 246 -7.06 36.10 16.47
C ASP B 246 -7.33 37.31 15.60
N HIS B 247 -6.67 37.38 14.44
CA HIS B 247 -6.87 38.51 13.55
C HIS B 247 -8.32 38.62 13.09
N ASP B 248 -8.93 37.48 12.72
CA ASP B 248 -10.31 37.51 12.23
C ASP B 248 -11.28 37.93 13.34
N ARG B 249 -11.07 37.43 14.56
CA ARG B 249 -11.93 37.84 15.66
C ARG B 249 -11.77 39.33 15.94
N GLU B 250 -10.54 39.85 15.84
CA GLU B 250 -10.33 41.28 15.99
C GLU B 250 -11.15 42.06 14.97
N ASP B 251 -11.10 41.65 13.71
CA ASP B 251 -11.93 42.30 12.70
C ASP B 251 -13.41 42.27 13.10
N ARG B 252 -13.89 41.10 13.52
CA ARG B 252 -15.31 40.99 13.88
C ARG B 252 -15.66 41.88 15.07
N GLN B 253 -14.78 41.94 16.08
CA GLN B 253 -15.09 42.72 17.28
C GLN B 253 -15.12 44.21 16.98
N LEU B 254 -14.23 44.68 16.11
CA LEU B 254 -14.15 46.10 15.77
C LEU B 254 -15.13 46.49 14.68
N GLY B 255 -15.93 45.55 14.17
CA GLY B 255 -16.89 45.86 13.13
C GLY B 255 -16.26 46.13 11.79
N ARG B 256 -15.08 45.58 11.52
CA ARG B 256 -14.44 45.75 10.23
C ARG B 256 -14.90 44.65 9.28
N ARG B 257 -15.38 45.05 8.10
CA ARG B 257 -15.93 44.13 7.12
C ARG B 257 -15.37 44.46 5.74
N LEU B 258 -15.44 43.48 4.84
CA LEU B 258 -15.05 43.70 3.45
C LEU B 258 -15.93 44.79 2.85
N SER B 259 -15.30 45.80 2.26
CA SER B 259 -16.01 46.93 1.68
C SER B 259 -16.27 46.78 0.20
N MET B 260 -15.44 46.04 -0.52
CA MET B 260 -15.55 45.94 -1.97
C MET B 260 -16.49 44.81 -2.34
N PRO B 261 -16.93 44.78 -3.59
CA PRO B 261 -17.85 43.72 -4.02
C PRO B 261 -17.25 42.32 -3.90
N LEU B 262 -18.07 41.40 -3.37
CA LEU B 262 -17.68 40.04 -3.08
C LEU B 262 -18.67 39.08 -3.71
N LEU B 263 -18.16 38.14 -4.50
CA LEU B 263 -18.93 37.04 -5.06
C LEU B 263 -18.41 35.74 -4.47
N VAL B 264 -19.31 34.93 -3.93
CA VAL B 264 -18.95 33.66 -3.32
C VAL B 264 -19.64 32.54 -4.08
N LEU B 265 -18.86 31.59 -4.59
CA LEU B 265 -19.38 30.44 -5.31
C LEU B 265 -18.86 29.18 -4.62
N TRP B 266 -19.77 28.28 -4.27
CA TRP B 266 -19.39 27.04 -3.61
C TRP B 266 -20.10 25.87 -4.27
N GLY B 267 -19.53 24.68 -4.06
CA GLY B 267 -20.06 23.48 -4.70
C GLY B 267 -21.25 22.89 -3.96
N GLU B 268 -22.34 22.67 -4.69
CA GLU B 268 -23.52 22.06 -4.09
C GLU B 268 -23.21 20.69 -3.51
N GLU B 269 -22.23 19.99 -4.07
CA GLU B 269 -21.90 18.63 -3.69
C GLU B 269 -20.82 18.54 -2.62
N GLY B 270 -20.36 19.67 -2.10
CA GLY B 270 -19.24 19.72 -1.18
C GLY B 270 -19.65 19.87 0.28
N VAL B 271 -18.63 19.85 1.14
CA VAL B 271 -18.86 19.91 2.58
C VAL B 271 -19.35 21.28 3.02
N VAL B 272 -18.82 22.35 2.42
CA VAL B 272 -19.19 23.70 2.87
C VAL B 272 -20.69 23.89 2.75
N HIS B 273 -21.28 23.47 1.62
CA HIS B 273 -22.72 23.55 1.43
C HIS B 273 -23.47 22.77 2.50
N ARG B 274 -22.99 21.56 2.81
CA ARG B 274 -23.71 20.65 3.71
C ARG B 274 -23.64 21.13 5.15
N CYS B 275 -22.55 21.78 5.54
CA CYS B 275 -22.27 22.03 6.95
C CYS B 275 -22.41 23.49 7.36
N PHE B 276 -22.62 24.41 6.43
CA PHE B 276 -22.75 25.82 6.78
C PHE B 276 -23.75 26.48 5.84
N ASP B 277 -24.04 27.76 6.13
CA ASP B 277 -24.82 28.64 5.27
C ASP B 277 -23.85 29.66 4.68
N PRO B 278 -23.19 29.35 3.56
CA PRO B 278 -22.07 30.21 3.13
C PRO B 278 -22.46 31.65 2.89
N LEU B 279 -23.58 31.91 2.20
CA LEU B 279 -23.96 33.30 1.90
C LEU B 279 -24.24 34.08 3.18
N ARG B 280 -24.93 33.47 4.14
CA ARG B 280 -25.17 34.15 5.41
C ARG B 280 -23.85 34.46 6.11
N GLU B 281 -22.95 33.48 6.18
CA GLU B 281 -21.70 33.67 6.89
C GLU B 281 -20.88 34.80 6.26
N TRP B 282 -20.86 34.89 4.93
CA TRP B 282 -20.12 35.97 4.31
C TRP B 282 -20.82 37.31 4.48
N GLN B 283 -22.16 37.31 4.53
CA GLN B 283 -22.87 38.55 4.80
C GLN B 283 -22.57 39.09 6.19
N LEU B 284 -22.19 38.22 7.12
CA LEU B 284 -21.83 38.68 8.46
C LEU B 284 -20.51 39.42 8.48
N VAL B 285 -19.61 39.16 7.52
CA VAL B 285 -18.28 39.74 7.51
C VAL B 285 -18.01 40.55 6.25
N ALA B 286 -19.04 40.83 5.46
CA ALA B 286 -18.88 41.65 4.27
C ALA B 286 -20.17 42.42 4.01
N ASP B 287 -20.02 43.65 3.51
CA ASP B 287 -21.15 44.54 3.32
C ASP B 287 -21.77 44.45 1.94
N ASP B 288 -21.04 43.92 0.94
CA ASP B 288 -21.49 43.90 -0.45
C ASP B 288 -21.21 42.51 -1.02
N VAL B 289 -22.14 41.58 -0.79
CA VAL B 289 -21.94 40.17 -1.07
C VAL B 289 -23.08 39.63 -1.91
N ARG B 290 -22.75 38.80 -2.91
CA ARG B 290 -23.74 37.97 -3.60
C ARG B 290 -23.09 36.61 -3.82
N GLY B 291 -23.90 35.55 -3.89
CA GLY B 291 -23.32 34.25 -4.15
C GLY B 291 -24.40 33.20 -4.32
N ARG B 292 -23.95 31.98 -4.63
CA ARG B 292 -24.84 30.88 -4.92
C ARG B 292 -24.01 29.60 -5.05
N PRO B 293 -24.64 28.44 -4.87
CA PRO B 293 -23.95 27.17 -5.15
C PRO B 293 -23.89 26.86 -6.63
N LEU B 294 -22.87 26.08 -7.00
CA LEU B 294 -22.73 25.54 -8.35
C LEU B 294 -22.89 24.02 -8.31
N ALA B 295 -23.31 23.44 -9.43
CA ALA B 295 -23.57 22.00 -9.52
C ALA B 295 -22.26 21.23 -9.72
N CYS B 296 -21.48 21.17 -8.65
CA CYS B 296 -20.20 20.49 -8.65
C CYS B 296 -19.74 20.35 -7.21
N GLY B 297 -18.53 19.83 -7.04
CA GLY B 297 -17.93 19.65 -5.74
C GLY B 297 -16.96 20.76 -5.39
N HIS B 298 -15.97 20.42 -4.58
CA HIS B 298 -15.03 21.41 -4.05
C HIS B 298 -14.19 22.04 -5.16
N TYR B 299 -13.66 21.21 -6.08
CA TYR B 299 -12.67 21.66 -7.06
C TYR B 299 -13.37 22.31 -8.25
N ILE B 300 -13.96 23.48 -7.98
CA ILE B 300 -14.82 24.13 -8.97
C ILE B 300 -14.07 24.40 -10.26
N ALA B 301 -12.87 25.00 -10.16
CA ALA B 301 -12.19 25.46 -11.37
C ALA B 301 -11.84 24.32 -12.32
N GLU B 302 -11.76 23.08 -11.82
CA GLU B 302 -11.44 21.92 -12.65
C GLU B 302 -12.67 21.06 -12.96
N GLU B 303 -13.62 20.98 -12.02
CA GLU B 303 -14.83 20.20 -12.25
C GLU B 303 -15.81 20.95 -13.16
N ALA B 304 -15.97 22.25 -12.96
CA ALA B 304 -16.95 23.04 -13.69
C ALA B 304 -16.34 24.37 -14.12
N PRO B 305 -15.37 24.34 -15.04
CA PRO B 305 -14.78 25.61 -15.48
C PRO B 305 -15.78 26.50 -16.22
N ASP B 306 -16.63 25.92 -17.07
CA ASP B 306 -17.57 26.72 -17.84
C ASP B 306 -18.60 27.37 -16.94
N ALA B 307 -19.13 26.62 -15.96
CA ALA B 307 -20.05 27.22 -15.00
C ALA B 307 -19.37 28.32 -14.19
N LEU B 308 -18.13 28.06 -13.76
CA LEU B 308 -17.39 29.07 -13.01
C LEU B 308 -17.29 30.37 -13.81
N LEU B 309 -16.88 30.27 -15.08
CA LEU B 309 -16.74 31.48 -15.88
C LEU B 309 -18.09 32.13 -16.14
N ASP B 310 -19.11 31.35 -16.46
CA ASP B 310 -20.44 31.92 -16.67
C ASP B 310 -20.84 32.76 -15.48
N ALA B 311 -20.58 32.28 -14.26
CA ALA B 311 -21.00 33.02 -13.08
C ALA B 311 -20.08 34.18 -12.76
N ALA B 312 -18.78 34.07 -13.05
CA ALA B 312 -17.80 35.02 -12.55
C ALA B 312 -17.39 36.10 -13.55
N LEU B 313 -17.35 35.81 -14.85
CA LEU B 313 -16.90 36.83 -15.80
C LEU B 313 -17.79 38.07 -15.76
N PRO B 314 -19.11 37.97 -15.74
CA PRO B 314 -19.91 39.21 -15.60
C PRO B 314 -19.47 40.02 -14.40
N PHE B 315 -19.33 39.36 -13.24
CA PHE B 315 -18.95 40.06 -12.02
C PHE B 315 -17.56 40.70 -12.15
N LEU B 316 -16.59 39.95 -12.68
CA LEU B 316 -15.24 40.47 -12.79
C LEU B 316 -15.10 41.57 -13.84
N LEU B 317 -15.98 41.61 -14.82
CA LEU B 317 -15.91 42.59 -15.89
C LEU B 317 -16.60 43.90 -15.55
N GLN B 318 -17.54 43.91 -14.61
CA GLN B 318 -18.16 45.16 -14.16
C GLN B 318 -17.16 46.05 -13.43
N TRP C 26 -4.60 -35.86 15.67
CA TRP C 26 -3.77 -34.76 15.18
C TRP C 26 -2.69 -34.45 16.21
N MET C 27 -1.44 -34.72 15.85
CA MET C 27 -0.29 -34.47 16.71
C MET C 27 -0.47 -35.17 18.06
N PRO C 28 -0.84 -36.44 18.07
CA PRO C 28 -1.05 -37.14 19.35
C PRO C 28 0.24 -37.17 20.16
N GLY C 29 0.14 -36.76 21.42
CA GLY C 29 1.27 -36.78 22.33
C GLY C 29 2.14 -35.56 22.34
N LEU C 30 1.91 -34.59 21.45
CA LEU C 30 2.74 -33.41 21.36
C LEU C 30 2.05 -32.23 22.03
N ARG C 31 2.85 -31.33 22.61
CA ARG C 31 2.34 -30.14 23.27
C ARG C 31 2.94 -28.91 22.64
N GLN C 32 2.10 -27.91 22.39
CA GLN C 32 2.55 -26.69 21.76
C GLN C 32 3.22 -25.82 22.81
N GLN C 33 4.31 -25.16 22.42
CA GLN C 33 5.09 -24.32 23.31
C GLN C 33 5.53 -23.09 22.54
N ARG C 34 5.57 -21.95 23.20
CA ARG C 34 6.13 -20.74 22.62
C ARG C 34 7.41 -20.45 23.38
N ILE C 35 8.52 -20.35 22.65
CA ILE C 35 9.84 -20.12 23.24
C ILE C 35 10.40 -18.87 22.62
N THR C 36 10.70 -17.88 23.45
CA THR C 36 11.32 -16.66 22.96
C THR C 36 12.75 -17.00 22.55
N VAL C 37 13.06 -16.84 21.27
CA VAL C 37 14.39 -17.10 20.75
C VAL C 37 15.09 -15.82 20.33
N ASP C 38 14.38 -14.71 20.22
CA ASP C 38 15.01 -13.43 19.93
C ASP C 38 14.17 -12.35 20.61
N ASP C 39 14.70 -11.12 20.61
CA ASP C 39 13.99 -10.04 21.27
C ASP C 39 12.71 -9.75 20.47
N GLY C 40 11.56 -10.07 21.07
CA GLY C 40 10.29 -9.91 20.38
C GLY C 40 10.01 -10.99 19.36
N VAL C 41 10.78 -12.08 19.36
CA VAL C 41 10.58 -13.17 18.41
C VAL C 41 10.42 -14.47 19.20
N GLU C 42 9.23 -15.05 19.14
CA GLU C 42 8.91 -16.32 19.75
C GLU C 42 8.71 -17.35 18.65
N ILE C 43 9.16 -18.58 18.89
CA ILE C 43 9.00 -19.70 17.95
C ILE C 43 7.98 -20.67 18.52
N ASN C 44 6.93 -20.92 17.75
CA ASN C 44 5.93 -21.91 18.13
C ASN C 44 6.40 -23.30 17.72
N ALA C 45 6.25 -24.26 18.63
CA ALA C 45 6.72 -25.61 18.35
C ALA C 45 5.86 -26.64 19.06
N TRP C 46 5.75 -27.81 18.45
CA TRP C 46 5.11 -28.97 19.06
C TRP C 46 6.21 -29.90 19.59
N VAL C 47 6.20 -30.16 20.89
CA VAL C 47 7.25 -30.94 21.55
C VAL C 47 6.62 -32.24 22.06
N GLY C 48 7.32 -33.36 21.88
CA GLY C 48 6.82 -34.61 22.41
C GLY C 48 7.84 -35.72 22.31
N GLY C 49 7.41 -36.93 22.66
CA GLY C 49 8.24 -38.11 22.45
C GLY C 49 9.24 -38.36 23.55
N GLN C 50 10.20 -39.24 23.25
CA GLN C 50 11.23 -39.63 24.20
C GLN C 50 12.44 -40.10 23.40
N GLY C 51 13.63 -39.84 23.93
CA GLY C 51 14.86 -40.25 23.28
C GLY C 51 15.68 -39.08 22.79
N PRO C 52 16.65 -39.35 21.92
CA PRO C 52 17.50 -38.27 21.41
C PRO C 52 16.66 -37.19 20.76
N ALA C 53 17.17 -35.96 20.77
CA ALA C 53 16.39 -34.83 20.28
C ALA C 53 16.39 -34.80 18.75
N LEU C 54 15.22 -34.48 18.19
CA LEU C 54 15.05 -34.42 16.73
C LEU C 54 14.24 -33.17 16.41
N LEU C 55 14.88 -32.23 15.71
CA LEU C 55 14.24 -31.00 15.26
C LEU C 55 13.67 -31.21 13.87
N LEU C 56 12.36 -30.96 13.72
CA LEU C 56 11.68 -31.08 12.44
C LEU C 56 11.30 -29.69 11.94
N VAL C 57 11.69 -29.40 10.70
CA VAL C 57 11.57 -28.05 10.15
C VAL C 57 10.88 -28.11 8.80
N HIS C 58 9.76 -27.40 8.69
CA HIS C 58 8.93 -27.36 7.50
C HIS C 58 9.48 -26.36 6.50
N GLY C 59 8.74 -26.17 5.40
CA GLY C 59 9.05 -25.14 4.43
C GLY C 59 7.85 -24.38 3.91
N HIS C 60 7.88 -23.99 2.64
CA HIS C 60 6.95 -23.03 2.03
C HIS C 60 5.93 -23.73 1.15
N PRO C 61 4.65 -23.30 1.17
CA PRO C 61 4.04 -22.30 2.05
C PRO C 61 3.33 -22.93 3.24
N GLN C 62 4.06 -23.69 4.04
CA GLN C 62 3.43 -24.59 5.00
C GLN C 62 3.86 -24.32 6.43
N THR C 63 3.60 -25.26 7.32
CA THR C 63 3.90 -25.11 8.75
C THR C 63 4.32 -26.47 9.29
N SER C 64 4.58 -26.52 10.61
CA SER C 64 4.97 -27.79 11.22
C SER C 64 3.95 -28.89 10.97
N ALA C 65 2.70 -28.52 10.67
CA ALA C 65 1.67 -29.52 10.41
C ALA C 65 2.09 -30.52 9.35
N ILE C 66 3.06 -30.18 8.48
CA ILE C 66 3.44 -31.11 7.42
C ILE C 66 3.89 -32.44 8.00
N TRP C 67 4.32 -32.45 9.26
CA TRP C 67 4.91 -33.63 9.86
C TRP C 67 3.88 -34.55 10.51
N HIS C 68 2.58 -34.29 10.31
CA HIS C 68 1.57 -35.00 11.07
C HIS C 68 1.51 -36.49 10.74
N ARG C 69 2.00 -36.90 9.56
CA ARG C 69 1.95 -38.32 9.20
C ARG C 69 3.14 -39.10 9.77
N VAL C 70 4.31 -38.46 9.94
CA VAL C 70 5.49 -39.16 10.43
C VAL C 70 5.77 -38.86 11.90
N ALA C 71 5.21 -37.80 12.45
CA ALA C 71 5.58 -37.38 13.80
C ALA C 71 5.22 -38.41 14.87
N PRO C 72 4.05 -39.04 14.84
CA PRO C 72 3.77 -40.08 15.87
C PRO C 72 4.82 -41.17 15.91
N ARG C 73 5.19 -41.73 14.76
CA ARG C 73 6.19 -42.80 14.73
C ARG C 73 7.53 -42.29 15.27
N LEU C 74 7.96 -41.11 14.82
CA LEU C 74 9.23 -40.57 15.27
C LEU C 74 9.24 -40.37 16.78
N ALA C 75 8.11 -39.92 17.34
CA ALA C 75 8.03 -39.67 18.77
C ALA C 75 8.21 -40.93 19.61
N GLN C 76 8.17 -42.12 19.00
CA GLN C 76 8.40 -43.34 19.77
C GLN C 76 9.86 -43.50 20.16
N GLN C 77 10.79 -42.94 19.38
CA GLN C 77 12.21 -43.11 19.64
C GLN C 77 12.99 -41.81 19.70
N PHE C 78 12.37 -40.67 19.42
CA PHE C 78 13.03 -39.38 19.51
C PHE C 78 12.16 -38.43 20.31
N THR C 79 12.82 -37.49 20.99
CA THR C 79 12.15 -36.31 21.53
C THR C 79 12.02 -35.33 20.38
N VAL C 80 10.81 -35.23 19.83
CA VAL C 80 10.57 -34.46 18.61
C VAL C 80 10.22 -33.03 18.99
N VAL C 81 10.74 -32.10 18.20
CA VAL C 81 10.46 -30.67 18.31
C VAL C 81 10.13 -30.19 16.90
N LEU C 82 8.84 -30.01 16.61
CA LEU C 82 8.38 -29.57 15.31
C LEU C 82 8.23 -28.06 15.36
N ALA C 83 9.15 -27.34 14.70
CA ALA C 83 9.22 -25.90 14.86
C ALA C 83 8.59 -25.18 13.67
N ASP C 84 7.87 -24.10 13.97
CA ASP C 84 7.40 -23.16 12.95
C ASP C 84 8.46 -22.10 12.73
N LEU C 85 9.00 -22.03 11.51
CA LEU C 85 9.96 -20.99 11.20
C LEU C 85 9.36 -19.62 11.51
N ARG C 86 10.22 -18.64 11.79
CA ARG C 86 9.75 -17.27 11.93
C ARG C 86 9.15 -16.83 10.60
N GLY C 87 8.01 -16.14 10.67
CA GLY C 87 7.24 -15.82 9.50
C GLY C 87 6.21 -16.87 9.12
N TYR C 88 6.24 -18.03 9.75
CA TYR C 88 5.36 -19.13 9.39
C TYR C 88 4.59 -19.63 10.62
N GLY C 89 3.52 -20.35 10.36
CA GLY C 89 2.76 -20.98 11.43
C GLY C 89 2.30 -19.98 12.46
N ASP C 90 2.46 -20.35 13.74
CA ASP C 90 2.07 -19.53 14.86
C ASP C 90 3.25 -18.82 15.51
N SER C 91 4.38 -18.74 14.80
CA SER C 91 5.55 -18.06 15.30
C SER C 91 5.43 -16.54 15.09
N SER C 92 6.37 -15.81 15.68
CA SER C 92 6.41 -14.37 15.48
C SER C 92 6.66 -14.05 14.00
N ARG C 93 6.26 -12.84 13.61
CA ARG C 93 6.48 -12.34 12.25
C ARG C 93 7.21 -11.01 12.32
N PRO C 94 8.51 -11.04 12.62
CA PRO C 94 9.28 -9.80 12.74
C PRO C 94 9.27 -8.99 11.45
N ALA C 95 9.64 -7.71 11.60
CA ALA C 95 9.77 -6.84 10.45
C ALA C 95 10.93 -7.29 9.57
N GLY C 96 10.86 -6.91 8.30
CA GLY C 96 11.98 -7.09 7.39
C GLY C 96 13.00 -6.00 7.59
N ASP C 97 13.97 -5.95 6.68
CA ASP C 97 15.01 -4.93 6.73
C ASP C 97 15.74 -4.91 5.39
N PRO C 98 16.36 -3.78 5.06
CA PRO C 98 16.92 -3.62 3.69
C PRO C 98 17.86 -4.74 3.25
N GLU C 99 18.69 -5.26 4.15
CA GLU C 99 19.59 -6.35 3.80
C GLU C 99 18.98 -7.73 4.03
N HIS C 100 17.78 -7.80 4.60
CA HIS C 100 17.08 -9.07 4.80
C HIS C 100 17.84 -9.94 5.80
N VAL C 101 18.42 -9.31 6.81
CA VAL C 101 19.06 -10.07 7.88
C VAL C 101 18.03 -10.78 8.74
N ASN C 102 16.88 -10.13 8.98
CA ASN C 102 15.92 -10.67 9.95
C ASN C 102 15.38 -12.02 9.51
N TYR C 103 15.34 -12.28 8.20
CA TYR C 103 14.89 -13.57 7.69
C TYR C 103 16.00 -14.29 6.92
N SER C 104 17.26 -13.90 7.15
CA SER C 104 18.38 -14.66 6.59
C SER C 104 18.42 -16.06 7.19
N LYS C 105 19.02 -16.99 6.46
CA LYS C 105 19.12 -18.35 7.00
C LYS C 105 19.98 -18.37 8.26
N ARG C 106 20.95 -17.47 8.38
CA ARG C 106 21.74 -17.39 9.60
C ARG C 106 20.87 -17.05 10.81
N THR C 107 20.02 -16.03 10.68
CA THR C 107 19.15 -15.64 11.78
C THR C 107 18.13 -16.71 12.11
N MET C 108 17.48 -17.29 11.09
CA MET C 108 16.48 -18.32 11.35
C MET C 108 17.13 -19.58 11.93
N ALA C 109 18.37 -19.87 11.52
CA ALA C 109 19.10 -20.98 12.11
C ALA C 109 19.42 -20.72 13.57
N ARG C 110 19.79 -19.48 13.90
CA ARG C 110 20.01 -19.14 15.31
C ARG C 110 18.71 -19.26 16.10
N ASP C 111 17.60 -18.83 15.49
CA ASP C 111 16.28 -19.07 16.09
C ASP C 111 16.16 -20.53 16.52
N LEU C 112 16.43 -21.45 15.60
CA LEU C 112 16.20 -22.86 15.92
C LEU C 112 17.21 -23.39 16.93
N LEU C 113 18.47 -22.95 16.84
CA LEU C 113 19.45 -23.32 17.84
C LEU C 113 18.98 -22.94 19.24
N ARG C 114 18.57 -21.67 19.41
CA ARG C 114 18.11 -21.22 20.72
C ARG C 114 16.84 -21.95 21.14
N LEU C 115 15.94 -22.23 20.20
CA LEU C 115 14.76 -23.01 20.51
C LEU C 115 15.15 -24.33 21.17
N MET C 116 16.00 -25.10 20.50
CA MET C 116 16.42 -26.40 21.05
C MET C 116 17.16 -26.21 22.38
N ALA C 117 17.96 -25.16 22.49
CA ALA C 117 18.69 -24.90 23.72
C ALA C 117 17.73 -24.70 24.90
N ARG C 118 16.74 -23.83 24.73
CA ARG C 118 15.83 -23.51 25.83
C ARG C 118 14.99 -24.70 26.23
N LEU C 119 14.76 -25.63 25.30
CA LEU C 119 14.06 -26.88 25.60
C LEU C 119 14.97 -27.95 26.19
N GLY C 120 16.24 -27.63 26.45
CA GLY C 120 17.13 -28.57 27.10
C GLY C 120 17.94 -29.44 26.17
N HIS C 121 18.12 -29.03 24.92
CA HIS C 121 18.79 -29.83 23.91
C HIS C 121 20.01 -29.07 23.38
N GLU C 122 21.20 -29.44 23.85
CA GLU C 122 22.43 -28.86 23.32
C GLU C 122 22.90 -29.59 22.05
N HIS C 123 22.44 -30.83 21.85
CA HIS C 123 22.76 -31.62 20.67
C HIS C 123 21.49 -32.26 20.15
N PHE C 124 21.31 -32.24 18.84
CA PHE C 124 20.07 -32.75 18.24
C PHE C 124 20.32 -33.16 16.80
N SER C 125 19.46 -34.04 16.31
CA SER C 125 19.40 -34.36 14.88
C SER C 125 18.35 -33.47 14.22
N VAL C 126 18.36 -33.40 12.90
CA VAL C 126 17.45 -32.52 12.17
C VAL C 126 16.87 -33.26 10.97
N LEU C 127 15.55 -33.17 10.82
CA LEU C 127 14.83 -33.58 9.62
C LEU C 127 14.11 -32.36 9.10
N ALA C 128 14.39 -31.96 7.86
CA ALA C 128 13.91 -30.69 7.35
C ALA C 128 13.52 -30.79 5.89
N HIS C 129 12.65 -29.87 5.49
CA HIS C 129 12.08 -29.86 4.16
C HIS C 129 12.05 -28.43 3.62
N ASP C 130 12.36 -28.28 2.34
CA ASP C 130 12.10 -27.02 1.63
C ASP C 130 12.82 -25.89 2.36
N ARG C 131 12.18 -24.74 2.62
CA ARG C 131 12.88 -23.65 3.30
C ARG C 131 13.56 -24.14 4.57
N GLY C 132 12.87 -24.96 5.35
CA GLY C 132 13.48 -25.49 6.56
C GLY C 132 14.80 -26.19 6.31
N ALA C 133 14.88 -26.96 5.23
CA ALA C 133 16.14 -27.62 4.88
C ALA C 133 17.26 -26.62 4.61
N ARG C 134 16.94 -25.52 3.92
CA ARG C 134 17.94 -24.48 3.70
C ARG C 134 18.40 -23.90 5.03
N VAL C 135 17.45 -23.59 5.91
CA VAL C 135 17.81 -23.16 7.26
C VAL C 135 18.73 -24.18 7.92
N ALA C 136 18.38 -25.46 7.82
CA ALA C 136 19.16 -26.53 8.46
C ALA C 136 20.58 -26.58 7.93
N HIS C 137 20.75 -26.44 6.62
CA HIS C 137 22.09 -26.34 6.04
C HIS C 137 22.89 -25.26 6.74
N ARG C 138 22.33 -24.03 6.78
CA ARG C 138 23.05 -22.94 7.43
C ARG C 138 23.30 -23.24 8.91
N LEU C 139 22.29 -23.78 9.60
CA LEU C 139 22.43 -24.16 11.00
C LEU C 139 23.63 -25.09 11.20
N ALA C 140 23.70 -26.15 10.39
CA ALA C 140 24.74 -27.14 10.52
C ALA C 140 26.10 -26.58 10.18
N MET C 141 26.16 -25.53 9.37
CA MET C 141 27.44 -24.89 9.13
C MET C 141 27.84 -23.97 10.28
N ASP C 142 26.87 -23.27 10.88
CA ASP C 142 27.18 -22.28 11.89
C ASP C 142 27.40 -22.88 13.26
N TYR C 143 26.84 -24.05 13.54
CA TYR C 143 26.93 -24.68 14.85
C TYR C 143 27.08 -26.19 14.65
N PRO C 144 28.19 -26.61 14.05
CA PRO C 144 28.34 -28.04 13.73
C PRO C 144 28.33 -28.93 14.96
N ALA C 145 28.74 -28.41 16.12
CA ALA C 145 28.77 -29.23 17.33
C ALA C 145 27.38 -29.53 17.87
N SER C 146 26.37 -28.78 17.45
CA SER C 146 25.01 -29.00 17.94
C SER C 146 24.20 -29.96 17.09
N VAL C 147 24.55 -30.12 15.81
CA VAL C 147 23.78 -30.95 14.89
C VAL C 147 24.48 -32.29 14.77
N GLN C 148 23.79 -33.35 15.19
CA GLN C 148 24.35 -34.69 15.14
C GLN C 148 24.21 -35.27 13.75
N ARG C 149 23.00 -35.25 13.21
CA ARG C 149 22.71 -35.80 11.91
C ARG C 149 21.81 -34.83 11.15
N LEU C 150 21.83 -34.95 9.82
CA LEU C 150 21.05 -34.03 9.00
C LEU C 150 20.34 -34.83 7.93
N VAL C 151 19.02 -34.65 7.82
CA VAL C 151 18.23 -35.22 6.74
C VAL C 151 17.52 -34.07 6.04
N LEU C 152 17.79 -33.89 4.76
CA LEU C 152 17.28 -32.77 3.98
C LEU C 152 16.41 -33.30 2.85
N LEU C 153 15.21 -32.74 2.75
CA LEU C 153 14.17 -33.27 1.86
C LEU C 153 13.97 -32.34 0.67
N ASP C 154 14.08 -32.90 -0.51
CA ASP C 154 13.82 -32.24 -1.80
C ASP C 154 14.42 -30.84 -1.85
N ILE C 155 15.73 -30.77 -1.63
CA ILE C 155 16.49 -29.57 -1.96
C ILE C 155 17.87 -29.95 -2.47
N ALA C 156 18.38 -29.14 -3.38
CA ALA C 156 19.82 -29.00 -3.61
C ALA C 156 20.27 -27.67 -3.02
N PRO C 157 21.57 -27.49 -2.80
CA PRO C 157 22.04 -26.25 -2.15
C PRO C 157 21.54 -25.01 -2.88
N THR C 158 21.14 -23.99 -2.11
CA THR C 158 20.54 -22.81 -2.69
C THR C 158 21.46 -22.15 -3.70
N LEU C 159 22.76 -22.05 -3.36
CA LEU C 159 23.69 -21.34 -4.22
C LEU C 159 23.79 -22.01 -5.60
N ALA C 160 23.98 -23.32 -5.62
CA ALA C 160 24.03 -24.04 -6.89
C ALA C 160 22.70 -23.90 -7.64
N MET C 161 21.58 -23.93 -6.92
CA MET C 161 20.28 -23.87 -7.59
C MET C 161 20.08 -22.52 -8.29
N TYR C 162 20.46 -21.42 -7.66
CA TYR C 162 20.38 -20.14 -8.36
C TYR C 162 21.41 -20.07 -9.48
N GLU C 163 22.64 -20.51 -9.22
CA GLU C 163 23.69 -20.45 -10.23
C GLU C 163 23.32 -21.25 -11.47
N GLN C 164 22.67 -22.40 -11.29
CA GLN C 164 22.36 -23.30 -12.39
C GLN C 164 20.96 -23.07 -12.95
N THR C 165 20.38 -21.90 -12.71
CA THR C 165 19.05 -21.60 -13.23
C THR C 165 19.03 -21.72 -14.75
N GLY C 166 18.03 -22.43 -15.27
CA GLY C 166 17.75 -22.46 -16.68
C GLY C 166 16.26 -22.22 -16.93
N GLU C 167 15.90 -22.27 -18.22
CA GLU C 167 14.51 -22.01 -18.60
C GLU C 167 13.55 -22.90 -17.82
N ALA C 168 13.84 -24.21 -17.76
CA ALA C 168 12.91 -25.12 -17.09
C ALA C 168 12.74 -24.77 -15.62
N PHE C 169 13.86 -24.53 -14.94
CA PHE C 169 13.81 -24.19 -13.52
C PHE C 169 13.05 -22.89 -13.30
N ALA C 170 13.35 -21.86 -14.10
CA ALA C 170 12.67 -20.58 -13.94
C ALA C 170 11.17 -20.71 -14.21
N ARG C 171 10.79 -21.57 -15.16
CA ARG C 171 9.38 -21.78 -15.42
C ARG C 171 8.69 -22.47 -14.24
N ALA C 172 9.33 -23.51 -13.70
CA ALA C 172 8.66 -24.30 -12.66
C ALA C 172 8.71 -23.61 -11.32
N TYR C 173 9.91 -23.24 -10.86
CA TYR C 173 10.07 -22.50 -9.61
C TYR C 173 10.02 -20.99 -9.85
N TRP C 174 8.95 -20.54 -10.51
CA TRP C 174 8.80 -19.12 -10.81
C TRP C 174 8.87 -18.25 -9.55
N HIS C 175 8.44 -18.79 -8.41
CA HIS C 175 8.40 -17.98 -7.20
C HIS C 175 9.80 -17.58 -6.76
N TRP C 176 10.80 -18.43 -7.01
CA TRP C 176 12.19 -18.07 -6.73
C TRP C 176 12.59 -16.77 -7.41
N PHE C 177 11.86 -16.34 -8.43
CA PHE C 177 12.15 -15.09 -9.12
C PHE C 177 11.03 -14.08 -8.98
N PHE C 178 9.88 -14.48 -8.44
CA PHE C 178 8.82 -13.52 -8.15
C PHE C 178 8.89 -13.03 -6.71
N LEU C 179 9.01 -13.94 -5.75
CA LEU C 179 9.00 -13.56 -4.34
C LEU C 179 10.22 -12.74 -3.94
N ILE C 180 11.30 -12.79 -4.74
CA ILE C 180 12.48 -12.01 -4.40
C ILE C 180 12.40 -10.57 -4.85
N GLN C 181 11.42 -10.23 -5.69
CA GLN C 181 11.30 -8.86 -6.17
C GLN C 181 11.01 -7.92 -5.00
N PRO C 182 11.39 -6.65 -5.13
CA PRO C 182 11.25 -5.74 -3.99
C PRO C 182 9.80 -5.56 -3.55
N ALA C 183 9.61 -5.49 -2.23
CA ALA C 183 8.29 -5.21 -1.70
C ALA C 183 7.75 -3.91 -2.30
N PRO C 184 6.43 -3.77 -2.43
CA PRO C 184 5.34 -4.63 -1.93
C PRO C 184 4.70 -5.56 -2.96
N LEU C 185 5.38 -5.81 -4.06
CA LEU C 185 4.82 -6.53 -5.21
C LEU C 185 4.42 -7.96 -4.83
N PRO C 186 5.37 -8.82 -4.50
CA PRO C 186 4.98 -10.20 -4.15
C PRO C 186 4.03 -10.25 -2.97
N GLU C 187 4.19 -9.33 -2.02
CA GLU C 187 3.24 -9.24 -0.92
C GLU C 187 1.85 -8.93 -1.41
N ARG C 188 1.73 -8.03 -2.39
CA ARG C 188 0.41 -7.74 -2.94
C ARG C 188 -0.22 -9.01 -3.47
N LEU C 189 0.52 -9.77 -4.29
CA LEU C 189 -0.07 -11.01 -4.80
C LEU C 189 -0.53 -11.90 -3.65
N ILE C 190 0.36 -12.18 -2.70
CA ILE C 190 0.03 -13.17 -1.68
C ILE C 190 -1.18 -12.72 -0.86
N GLU C 191 -1.20 -11.45 -0.43
CA GLU C 191 -2.25 -10.99 0.47
C GLU C 191 -3.58 -10.74 -0.23
N ALA C 192 -3.59 -10.60 -1.57
CA ALA C 192 -4.87 -10.48 -2.25
C ALA C 192 -5.75 -11.72 -2.06
N ASP C 193 -5.14 -12.90 -1.92
CA ASP C 193 -5.90 -14.12 -1.71
C ASP C 193 -4.99 -15.23 -1.19
N PRO C 194 -4.78 -15.29 0.12
CA PRO C 194 -3.81 -16.27 0.65
C PRO C 194 -4.21 -17.72 0.43
N ALA C 195 -5.50 -18.04 0.60
CA ALA C 195 -5.96 -19.41 0.37
C ALA C 195 -5.68 -19.84 -1.07
N ALA C 196 -6.00 -18.98 -2.03
CA ALA C 196 -5.70 -19.28 -3.43
C ALA C 196 -4.20 -19.46 -3.63
N TYR C 197 -3.39 -18.67 -2.92
CA TYR C 197 -1.95 -18.81 -3.06
C TYR C 197 -1.49 -20.20 -2.63
N VAL C 198 -1.91 -20.65 -1.46
CA VAL C 198 -1.53 -21.97 -1.01
C VAL C 198 -1.98 -23.02 -2.03
N ARG C 199 -3.24 -22.94 -2.45
CA ARG C 199 -3.77 -23.96 -3.35
C ARG C 199 -3.02 -24.00 -4.68
N GLU C 200 -2.67 -22.83 -5.22
CA GLU C 200 -2.03 -22.81 -6.53
C GLU C 200 -0.57 -23.21 -6.44
N ILE C 201 0.13 -22.78 -5.39
CA ILE C 201 1.51 -23.16 -5.20
C ILE C 201 1.64 -24.67 -5.02
N MET C 202 0.73 -25.27 -4.24
CA MET C 202 0.86 -26.67 -3.87
C MET C 202 0.20 -27.62 -4.87
N GLY C 203 -0.93 -27.23 -5.45
CA GLY C 203 -1.67 -28.12 -6.32
C GLY C 203 -1.22 -28.14 -7.75
N ARG C 204 -0.39 -27.20 -8.16
CA ARG C 204 0.13 -27.16 -9.51
C ARG C 204 1.43 -27.95 -9.67
N ARG C 205 1.89 -28.62 -8.62
CA ARG C 205 3.09 -29.45 -8.69
C ARG C 205 2.69 -30.84 -9.19
N SER C 206 3.65 -31.77 -9.17
CA SER C 206 3.47 -33.06 -9.83
C SER C 206 2.26 -33.82 -9.29
N ALA C 207 2.00 -33.75 -7.98
CA ALA C 207 0.97 -34.56 -7.37
C ALA C 207 -0.38 -33.86 -7.19
N GLY C 208 -0.48 -32.58 -7.48
CA GLY C 208 -1.73 -31.90 -7.19
C GLY C 208 -1.99 -31.84 -5.69
N LEU C 209 -3.27 -31.69 -5.34
CA LEU C 209 -3.67 -31.57 -3.94
C LEU C 209 -3.98 -32.91 -3.28
N ALA C 210 -3.83 -34.02 -4.00
CA ALA C 210 -4.17 -35.32 -3.43
C ALA C 210 -3.46 -35.62 -2.11
N PRO C 211 -2.16 -35.37 -1.95
CA PRO C 211 -1.45 -35.86 -0.76
C PRO C 211 -1.66 -35.02 0.49
N PHE C 212 -2.55 -34.02 0.52
CA PHE C 212 -2.70 -33.14 1.68
C PHE C 212 -4.00 -33.43 2.43
N ASP C 213 -3.86 -33.81 3.69
CA ASP C 213 -5.01 -33.96 4.57
C ASP C 213 -5.76 -32.63 4.69
N PRO C 214 -7.10 -32.66 4.73
CA PRO C 214 -7.84 -31.39 4.83
C PRO C 214 -7.42 -30.54 6.02
N ARG C 215 -7.23 -31.17 7.18
CA ARG C 215 -6.81 -30.43 8.37
C ARG C 215 -5.49 -29.71 8.13
N ALA C 216 -4.55 -30.37 7.44
CA ALA C 216 -3.25 -29.77 7.19
C ALA C 216 -3.37 -28.57 6.26
N LEU C 217 -4.14 -28.71 5.17
CA LEU C 217 -4.36 -27.59 4.27
C LEU C 217 -5.03 -26.41 4.99
N ALA C 218 -6.01 -26.71 5.84
CA ALA C 218 -6.66 -25.65 6.60
C ALA C 218 -5.65 -24.92 7.48
N GLU C 219 -4.73 -25.68 8.09
CA GLU C 219 -3.70 -25.04 8.91
C GLU C 219 -2.80 -24.15 8.05
N TYR C 220 -2.35 -24.66 6.89
CA TYR C 220 -1.48 -23.86 6.05
C TYR C 220 -2.14 -22.55 5.66
N GLN C 221 -3.43 -22.61 5.27
CA GLN C 221 -4.10 -21.39 4.83
C GLN C 221 -4.35 -20.44 6.01
N ARG C 222 -4.78 -20.98 7.15
CA ARG C 222 -5.00 -20.13 8.32
C ARG C 222 -3.72 -19.40 8.68
N CYS C 223 -2.59 -20.12 8.77
CA CYS C 223 -1.37 -19.51 9.26
C CYS C 223 -0.80 -18.55 8.23
N LEU C 224 -0.90 -18.88 6.94
CA LEU C 224 -0.41 -17.96 5.92
C LEU C 224 -1.16 -16.64 5.95
N ALA C 225 -2.42 -16.65 6.40
CA ALA C 225 -3.23 -15.45 6.43
C ALA C 225 -2.93 -14.52 7.60
N LEU C 226 -2.11 -14.94 8.56
CA LEU C 226 -1.79 -14.07 9.68
C LEU C 226 -1.06 -12.83 9.18
N PRO C 227 -1.35 -11.65 9.74
CA PRO C 227 -0.69 -10.43 9.26
C PRO C 227 0.82 -10.51 9.38
N GLY C 228 1.51 -9.94 8.39
CA GLY C 228 2.95 -9.96 8.33
C GLY C 228 3.55 -11.21 7.72
N SER C 229 2.74 -12.21 7.38
CA SER C 229 3.28 -13.46 6.84
C SER C 229 3.84 -13.25 5.43
N ALA C 230 3.10 -12.56 4.57
CA ALA C 230 3.55 -12.39 3.18
C ALA C 230 4.92 -11.75 3.16
N HIS C 231 5.09 -10.66 3.93
CA HIS C 231 6.36 -9.96 3.93
C HIS C 231 7.47 -10.84 4.49
N GLY C 232 7.19 -11.58 5.55
CA GLY C 232 8.23 -12.43 6.14
C GLY C 232 8.71 -13.51 5.18
N MET C 233 7.77 -14.19 4.53
CA MET C 233 8.17 -15.22 3.58
C MET C 233 8.97 -14.61 2.43
N CYS C 234 8.52 -13.47 1.91
CA CYS C 234 9.27 -12.82 0.84
C CYS C 234 10.65 -12.38 1.31
N GLU C 235 10.77 -11.99 2.59
CA GLU C 235 12.08 -11.62 3.13
C GLU C 235 13.00 -12.83 3.21
N ASP C 236 12.46 -13.98 3.60
CA ASP C 236 13.22 -15.22 3.53
C ASP C 236 13.78 -15.42 2.13
N TYR C 237 12.90 -15.34 1.13
CA TYR C 237 13.35 -15.52 -0.25
C TYR C 237 14.37 -14.47 -0.66
N ARG C 238 14.14 -13.21 -0.28
CA ARG C 238 15.07 -12.14 -0.66
C ARG C 238 16.45 -12.40 -0.07
N ALA C 239 16.51 -12.79 1.21
CA ALA C 239 17.79 -13.18 1.80
C ALA C 239 18.42 -14.32 1.03
N SER C 240 17.61 -15.31 0.62
CA SER C 240 18.16 -16.45 -0.09
C SER C 240 18.62 -16.13 -1.50
N ALA C 241 18.26 -14.97 -2.02
CA ALA C 241 18.81 -14.44 -3.26
C ALA C 241 19.87 -13.37 -3.02
N GLY C 242 20.22 -13.09 -1.77
CA GLY C 242 21.20 -12.06 -1.46
C GLY C 242 22.19 -12.45 -0.38
N ILE C 243 21.95 -12.00 0.85
CA ILE C 243 22.92 -12.18 1.92
C ILE C 243 23.23 -13.65 2.13
N ASP C 244 22.21 -14.51 2.06
CA ASP C 244 22.43 -15.94 2.25
C ASP C 244 23.44 -16.47 1.24
N LEU C 245 23.36 -16.02 -0.01
CA LEU C 245 24.29 -16.49 -1.02
C LEU C 245 25.70 -15.97 -0.75
N ASP C 246 25.82 -14.77 -0.17
CA ASP C 246 27.12 -14.30 0.27
C ASP C 246 27.72 -15.26 1.29
N HIS C 247 26.94 -15.63 2.31
CA HIS C 247 27.44 -16.56 3.32
C HIS C 247 27.82 -17.90 2.70
N ASP C 248 26.96 -18.44 1.83
CA ASP C 248 27.23 -19.73 1.23
C ASP C 248 28.48 -19.68 0.35
N ARG C 249 28.64 -18.60 -0.43
CA ARG C 249 29.82 -18.47 -1.27
C ARG C 249 31.07 -18.36 -0.43
N GLU C 250 31.00 -17.66 0.70
CA GLU C 250 32.16 -17.59 1.58
C GLU C 250 32.54 -18.99 2.05
N ASP C 251 31.55 -19.77 2.48
CA ASP C 251 31.84 -21.15 2.89
C ASP C 251 32.52 -21.93 1.76
N ARG C 252 31.95 -21.87 0.55
CA ARG C 252 32.52 -22.63 -0.56
C ARG C 252 33.93 -22.16 -0.90
N GLN C 253 34.18 -20.85 -0.87
CA GLN C 253 35.49 -20.33 -1.22
C GLN C 253 36.54 -20.72 -0.20
N LEU C 254 36.16 -20.76 1.09
CA LEU C 254 37.09 -21.10 2.16
C LEU C 254 37.21 -22.60 2.41
N GLY C 255 36.50 -23.42 1.64
CA GLY C 255 36.54 -24.85 1.86
C GLY C 255 35.79 -25.34 3.10
N ARG C 256 34.77 -24.61 3.53
CA ARG C 256 33.93 -25.05 4.65
C ARG C 256 32.76 -25.88 4.12
N ARG C 257 32.63 -27.08 4.66
CA ARG C 257 31.60 -28.03 4.23
C ARG C 257 30.97 -28.68 5.46
N LEU C 258 29.78 -29.25 5.27
CA LEU C 258 29.15 -29.98 6.35
C LEU C 258 29.99 -31.19 6.74
N SER C 259 30.26 -31.33 8.04
CA SER C 259 31.12 -32.40 8.53
C SER C 259 30.34 -33.60 9.05
N MET C 260 29.11 -33.43 9.51
CA MET C 260 28.36 -34.52 10.11
C MET C 260 27.62 -35.29 9.04
N PRO C 261 27.09 -36.47 9.39
CA PRO C 261 26.38 -37.27 8.38
C PRO C 261 25.15 -36.57 7.81
N LEU C 262 25.01 -36.68 6.49
CA LEU C 262 23.95 -36.04 5.75
C LEU C 262 23.24 -37.06 4.86
N LEU C 263 21.93 -37.13 5.00
CA LEU C 263 21.07 -37.92 4.12
C LEU C 263 20.18 -36.94 3.34
N VAL C 264 20.19 -37.07 2.02
CA VAL C 264 19.42 -36.19 1.15
C VAL C 264 18.40 -37.03 0.40
N LEU C 265 17.13 -36.69 0.56
CA LEU C 265 16.04 -37.36 -0.14
C LEU C 265 15.25 -36.33 -0.93
N TRP C 266 15.06 -36.59 -2.22
CA TRP C 266 14.30 -35.69 -3.06
C TRP C 266 13.31 -36.49 -3.91
N GLY C 267 12.30 -35.79 -4.40
CA GLY C 267 11.23 -36.44 -5.15
C GLY C 267 11.60 -36.65 -6.61
N GLU C 268 11.46 -37.90 -7.06
CA GLU C 268 11.76 -38.22 -8.45
C GLU C 268 10.90 -37.42 -9.42
N GLU C 269 9.70 -37.02 -8.99
CA GLU C 269 8.74 -36.36 -9.86
C GLU C 269 8.82 -34.85 -9.78
N GLY C 270 9.78 -34.31 -9.02
CA GLY C 270 9.82 -32.89 -8.73
C GLY C 270 10.81 -32.11 -9.58
N VAL C 271 10.81 -30.80 -9.33
CA VAL C 271 11.65 -29.89 -10.10
C VAL C 271 13.13 -30.11 -9.79
N VAL C 272 13.45 -30.38 -8.52
CA VAL C 272 14.85 -30.54 -8.13
C VAL C 272 15.48 -31.70 -8.91
N HIS C 273 14.81 -32.85 -8.96
CA HIS C 273 15.31 -33.97 -9.73
C HIS C 273 15.46 -33.58 -11.20
N ARG C 274 14.53 -32.80 -11.72
CA ARG C 274 14.50 -32.49 -13.14
C ARG C 274 15.63 -31.56 -13.56
N CYS C 275 15.98 -30.61 -12.71
CA CYS C 275 16.80 -29.50 -13.13
C CYS C 275 18.21 -29.49 -12.57
N PHE C 276 18.54 -30.41 -11.64
CA PHE C 276 19.86 -30.43 -11.04
C PHE C 276 20.29 -31.87 -10.79
N ASP C 277 21.53 -32.02 -10.33
CA ASP C 277 22.09 -33.29 -9.86
C ASP C 277 22.23 -33.20 -8.34
N PRO C 278 21.17 -33.51 -7.59
CA PRO C 278 21.20 -33.20 -6.14
C PRO C 278 22.36 -33.83 -5.38
N LEU C 279 22.60 -35.13 -5.61
CA LEU C 279 23.65 -35.81 -4.87
C LEU C 279 25.02 -35.20 -5.16
N ARG C 280 25.29 -34.89 -6.42
CA ARG C 280 26.55 -34.26 -6.77
C ARG C 280 26.68 -32.90 -6.07
N GLU C 281 25.61 -32.08 -6.16
CA GLU C 281 25.67 -30.73 -5.59
C GLU C 281 25.92 -30.79 -4.09
N TRP C 282 25.33 -31.76 -3.41
CA TRP C 282 25.57 -31.88 -1.97
C TRP C 282 26.96 -32.43 -1.68
N GLN C 283 27.48 -33.32 -2.53
CA GLN C 283 28.83 -33.82 -2.34
C GLN C 283 29.87 -32.72 -2.47
N LEU C 284 29.56 -31.68 -3.23
CA LEU C 284 30.48 -30.56 -3.37
C LEU C 284 30.55 -29.73 -2.09
N VAL C 285 29.49 -29.73 -1.29
CA VAL C 285 29.40 -28.86 -0.12
C VAL C 285 29.24 -29.65 1.17
N ALA C 286 29.41 -30.97 1.13
CA ALA C 286 29.33 -31.79 2.34
C ALA C 286 30.27 -32.98 2.19
N ASP C 287 30.88 -33.37 3.31
CA ASP C 287 31.92 -34.41 3.28
C ASP C 287 31.40 -35.81 3.51
N ASP C 288 30.21 -35.97 4.09
CA ASP C 288 29.68 -37.29 4.47
C ASP C 288 28.23 -37.35 4.00
N VAL C 289 28.02 -37.75 2.75
CA VAL C 289 26.72 -37.65 2.10
C VAL C 289 26.31 -39.00 1.53
N ARG C 290 25.03 -39.31 1.67
CA ARG C 290 24.36 -40.41 0.99
C ARG C 290 22.97 -39.94 0.58
N GLY C 291 22.46 -40.47 -0.52
CA GLY C 291 21.14 -40.06 -0.94
C GLY C 291 20.63 -40.80 -2.15
N ARG C 292 19.40 -40.48 -2.52
CA ARG C 292 18.67 -41.15 -3.59
C ARG C 292 17.34 -40.42 -3.78
N PRO C 293 16.75 -40.52 -4.97
CA PRO C 293 15.40 -40.00 -5.19
C PRO C 293 14.35 -40.96 -4.61
N LEU C 294 13.20 -40.39 -4.27
CA LEU C 294 12.05 -41.17 -3.86
C LEU C 294 10.94 -41.06 -4.91
N ALA C 295 10.09 -42.08 -4.96
CA ALA C 295 9.01 -42.14 -5.93
C ALA C 295 7.85 -41.28 -5.43
N CYS C 296 8.06 -39.98 -5.51
CA CYS C 296 7.08 -38.99 -5.06
C CYS C 296 7.49 -37.63 -5.63
N GLY C 297 6.75 -36.60 -5.26
CA GLY C 297 7.03 -35.25 -5.65
C GLY C 297 7.74 -34.47 -4.56
N HIS C 298 7.49 -33.16 -4.55
CA HIS C 298 8.19 -32.29 -3.63
C HIS C 298 7.84 -32.62 -2.18
N TYR C 299 6.54 -32.79 -1.90
CA TYR C 299 6.02 -32.88 -0.53
C TYR C 299 6.16 -34.30 0.02
N ILE C 300 7.42 -34.67 0.29
CA ILE C 300 7.75 -36.05 0.67
C ILE C 300 6.98 -36.46 1.92
N ALA C 301 7.01 -35.64 2.98
CA ALA C 301 6.51 -36.06 4.28
C ALA C 301 5.01 -36.36 4.23
N GLU C 302 4.28 -35.81 3.27
CA GLU C 302 2.85 -36.05 3.14
C GLU C 302 2.48 -36.97 2.01
N GLU C 303 3.19 -36.93 0.89
CA GLU C 303 2.86 -37.83 -0.21
C GLU C 303 3.37 -39.24 0.04
N ALA C 304 4.58 -39.37 0.59
CA ALA C 304 5.22 -40.67 0.79
C ALA C 304 5.79 -40.73 2.20
N PRO C 305 4.91 -40.77 3.22
CA PRO C 305 5.43 -40.81 4.60
C PRO C 305 6.13 -42.11 4.92
N ASP C 306 5.60 -43.23 4.42
CA ASP C 306 6.19 -44.53 4.74
C ASP C 306 7.57 -44.68 4.13
N ALA C 307 7.75 -44.29 2.86
CA ALA C 307 9.08 -44.34 2.26
C ALA C 307 10.05 -43.40 2.96
N LEU C 308 9.58 -42.20 3.32
CA LEU C 308 10.43 -41.26 4.06
C LEU C 308 10.96 -41.91 5.32
N LEU C 309 10.06 -42.52 6.11
CA LEU C 309 10.50 -43.15 7.35
C LEU C 309 11.42 -44.33 7.07
N ASP C 310 11.08 -45.17 6.08
CA ASP C 310 11.96 -46.29 5.74
C ASP C 310 13.37 -45.81 5.45
N ALA C 311 13.50 -44.70 4.74
CA ALA C 311 14.83 -44.24 4.36
C ALA C 311 15.56 -43.53 5.49
N ALA C 312 14.83 -42.85 6.37
CA ALA C 312 15.48 -41.97 7.35
C ALA C 312 15.64 -42.61 8.73
N LEU C 313 14.76 -43.52 9.12
CA LEU C 313 14.83 -44.12 10.45
C LEU C 313 16.16 -44.83 10.67
N PRO C 314 16.64 -45.68 9.75
CA PRO C 314 17.97 -46.28 9.96
C PRO C 314 19.05 -45.23 10.16
N PHE C 315 19.06 -44.22 9.28
CA PHE C 315 20.08 -43.17 9.33
C PHE C 315 20.03 -42.40 10.64
N LEU C 316 18.82 -41.99 11.06
CA LEU C 316 18.69 -41.21 12.28
C LEU C 316 18.94 -42.03 13.54
N LEU C 317 18.74 -43.35 13.48
CA LEU C 317 18.88 -44.20 14.65
C LEU C 317 20.32 -44.67 14.90
N GLN C 318 21.19 -44.56 13.91
CA GLN C 318 22.61 -44.87 14.09
C GLN C 318 23.28 -43.92 15.09
N HIS D 20 10.38 16.02 -21.42
CA HIS D 20 8.93 16.21 -21.73
C HIS D 20 8.38 17.42 -20.95
N MET D 21 7.62 18.25 -21.65
CA MET D 21 6.97 19.41 -21.07
C MET D 21 5.48 19.33 -21.31
N HIS D 22 4.70 19.86 -20.35
CA HIS D 22 3.25 19.83 -20.47
C HIS D 22 2.75 20.47 -21.74
N THR D 23 3.55 21.31 -22.38
CA THR D 23 3.09 22.14 -23.49
C THR D 23 3.28 21.48 -24.86
N ASP D 24 4.08 20.44 -24.96
CA ASP D 24 4.27 19.76 -26.24
C ASP D 24 2.92 19.24 -26.74
N PRO D 25 2.58 19.43 -28.01
CA PRO D 25 1.27 18.97 -28.50
C PRO D 25 1.15 17.46 -28.44
N TRP D 26 -0.09 16.98 -28.31
CA TRP D 26 -0.38 15.56 -28.17
C TRP D 26 -0.90 15.02 -29.50
N MET D 27 -0.11 14.15 -30.14
CA MET D 27 -0.48 13.50 -31.40
C MET D 27 -0.95 14.51 -32.45
N PRO D 28 -0.20 15.59 -32.67
CA PRO D 28 -0.63 16.59 -33.65
C PRO D 28 -0.74 15.97 -35.04
N GLY D 29 -1.87 16.22 -35.70
CA GLY D 29 -2.11 15.73 -37.04
C GLY D 29 -2.71 14.35 -37.10
N LEU D 30 -2.86 13.65 -35.97
CA LEU D 30 -3.37 12.30 -35.95
C LEU D 30 -4.80 12.27 -35.43
N ARG D 31 -5.60 11.37 -35.99
CA ARG D 31 -6.98 11.17 -35.60
C ARG D 31 -7.17 9.71 -35.19
N GLN D 32 -7.93 9.47 -34.13
CA GLN D 32 -8.16 8.12 -33.63
C GLN D 32 -9.22 7.39 -34.47
N GLN D 33 -8.99 6.08 -34.68
CA GLN D 33 -9.85 5.23 -35.50
C GLN D 33 -9.95 3.84 -34.90
N ARG D 34 -11.13 3.23 -35.03
CA ARG D 34 -11.35 1.84 -34.65
C ARG D 34 -11.62 1.04 -35.93
N ILE D 35 -10.83 -0.02 -36.14
CA ILE D 35 -10.90 -0.84 -37.35
C ILE D 35 -11.10 -2.29 -36.93
N THR D 36 -12.18 -2.90 -37.43
CA THR D 36 -12.43 -4.31 -37.17
C THR D 36 -11.44 -5.17 -37.93
N VAL D 37 -10.64 -5.95 -37.19
CA VAL D 37 -9.67 -6.86 -37.78
C VAL D 37 -10.02 -8.32 -37.52
N ASP D 38 -10.89 -8.61 -36.55
CA ASP D 38 -11.29 -9.99 -36.30
C ASP D 38 -12.71 -9.94 -35.78
N ASP D 39 -13.27 -11.13 -35.61
CA ASP D 39 -14.64 -11.24 -35.12
C ASP D 39 -14.79 -10.64 -33.73
N GLY D 40 -15.46 -9.49 -33.63
CA GLY D 40 -15.57 -8.84 -32.36
C GLY D 40 -14.28 -8.24 -31.87
N VAL D 41 -13.28 -8.09 -32.74
CA VAL D 41 -11.99 -7.54 -32.36
C VAL D 41 -11.70 -6.35 -33.27
N GLU D 42 -11.69 -5.16 -32.68
CA GLU D 42 -11.34 -3.89 -33.30
C GLU D 42 -9.99 -3.43 -32.77
N ILE D 43 -9.22 -2.78 -33.63
CA ILE D 43 -7.95 -2.20 -33.24
C ILE D 43 -8.11 -0.68 -33.23
N ASN D 44 -7.82 -0.06 -32.10
CA ASN D 44 -7.76 1.39 -32.04
C ASN D 44 -6.40 1.86 -32.52
N ALA D 45 -6.40 2.90 -33.35
CA ALA D 45 -5.13 3.40 -33.89
C ALA D 45 -5.22 4.89 -34.15
N TRP D 46 -4.07 5.54 -34.03
CA TRP D 46 -3.90 6.95 -34.39
C TRP D 46 -3.30 7.00 -35.79
N VAL D 47 -4.03 7.59 -36.74
CA VAL D 47 -3.61 7.62 -38.13
C VAL D 47 -3.38 9.05 -38.56
N GLY D 48 -2.29 9.28 -39.29
CA GLY D 48 -2.04 10.62 -39.79
C GLY D 48 -0.89 10.64 -40.76
N GLY D 49 -0.50 11.85 -41.16
CA GLY D 49 0.72 12.05 -41.94
C GLY D 49 0.52 11.90 -43.44
N GLN D 50 1.68 11.79 -44.11
CA GLN D 50 1.75 11.70 -45.56
C GLN D 50 3.03 10.98 -45.96
N GLY D 51 2.95 10.23 -47.06
CA GLY D 51 4.07 9.48 -47.55
C GLY D 51 3.86 7.99 -47.40
N PRO D 52 4.92 7.21 -47.59
CA PRO D 52 4.79 5.76 -47.44
C PRO D 52 4.28 5.39 -46.06
N ALA D 53 3.63 4.24 -45.97
CA ALA D 53 2.97 3.83 -44.73
C ALA D 53 3.98 3.28 -43.71
N LEU D 54 3.76 3.65 -42.45
CA LEU D 54 4.61 3.22 -41.34
C LEU D 54 3.75 2.81 -40.17
N LEU D 55 3.81 1.53 -39.80
CA LEU D 55 3.09 0.98 -38.66
C LEU D 55 3.96 1.04 -37.40
N LEU D 56 3.43 1.62 -36.33
CA LEU D 56 4.09 1.73 -35.04
C LEU D 56 3.39 0.86 -34.02
N VAL D 57 4.16 0.00 -33.34
CA VAL D 57 3.60 -1.03 -32.47
C VAL D 57 4.34 -1.00 -31.14
N HIS D 58 3.59 -0.77 -30.07
CA HIS D 58 4.09 -0.66 -28.70
C HIS D 58 4.20 -2.03 -28.05
N GLY D 59 4.55 -2.01 -26.76
CA GLY D 59 4.54 -3.23 -25.95
C GLY D 59 3.93 -3.03 -24.57
N HIS D 60 4.48 -3.71 -23.57
CA HIS D 60 3.95 -3.89 -22.22
C HIS D 60 4.69 -3.02 -21.22
N PRO D 61 4.00 -2.40 -20.24
CA PRO D 61 2.54 -2.39 -20.06
C PRO D 61 1.96 -1.09 -20.62
N GLN D 62 2.19 -0.83 -21.90
CA GLN D 62 1.96 0.50 -22.46
C GLN D 62 0.97 0.46 -23.62
N THR D 63 0.94 1.53 -24.42
CA THR D 63 -0.02 1.67 -25.51
C THR D 63 0.64 2.43 -26.65
N SER D 64 -0.13 2.72 -27.70
CA SER D 64 0.37 3.52 -28.80
C SER D 64 0.90 4.88 -28.32
N ALA D 65 0.42 5.33 -27.16
CA ALA D 65 0.88 6.61 -26.61
C ALA D 65 2.39 6.68 -26.51
N ILE D 66 3.09 5.54 -26.49
CA ILE D 66 4.54 5.58 -26.33
C ILE D 66 5.18 6.39 -27.44
N TRP D 67 4.50 6.54 -28.58
CA TRP D 67 5.11 7.16 -29.75
C TRP D 67 4.93 8.67 -29.82
N HIS D 68 4.41 9.31 -28.77
CA HIS D 68 4.06 10.72 -28.87
C HIS D 68 5.27 11.64 -29.06
N ARG D 69 6.48 11.19 -28.70
CA ARG D 69 7.64 12.05 -28.88
C ARG D 69 8.18 12.01 -30.32
N VAL D 70 8.08 10.86 -31.00
CA VAL D 70 8.64 10.72 -32.33
C VAL D 70 7.60 10.79 -33.43
N ALA D 71 6.32 10.65 -33.09
CA ALA D 71 5.30 10.57 -34.13
C ALA D 71 5.17 11.82 -35.00
N PRO D 72 5.23 13.04 -34.46
CA PRO D 72 5.13 14.22 -35.34
C PRO D 72 6.19 14.20 -36.45
N ARG D 73 7.46 14.13 -36.03
CA ARG D 73 8.56 14.13 -36.99
C ARG D 73 8.40 13.02 -38.02
N LEU D 74 8.02 11.81 -37.58
CA LEU D 74 7.81 10.73 -38.55
C LEU D 74 6.67 11.06 -39.50
N ALA D 75 5.58 11.63 -38.97
CA ALA D 75 4.44 11.97 -39.81
C ALA D 75 4.81 13.01 -40.85
N GLN D 76 5.96 13.66 -40.71
CA GLN D 76 6.37 14.61 -41.74
C GLN D 76 6.73 13.90 -43.05
N GLN D 77 7.18 12.64 -42.99
CA GLN D 77 7.56 11.91 -44.20
C GLN D 77 6.88 10.56 -44.35
N PHE D 78 6.10 10.12 -43.37
CA PHE D 78 5.37 8.86 -43.46
C PHE D 78 3.91 9.07 -43.11
N THR D 79 3.06 8.22 -43.69
CA THR D 79 1.69 8.03 -43.22
C THR D 79 1.76 7.06 -42.05
N VAL D 80 1.64 7.59 -40.84
CA VAL D 80 1.86 6.80 -39.63
C VAL D 80 0.55 6.21 -39.13
N VAL D 81 0.65 4.98 -38.62
CA VAL D 81 -0.45 4.23 -38.03
C VAL D 81 0.06 3.70 -36.70
N LEU D 82 -0.33 4.34 -35.61
CA LEU D 82 0.09 3.94 -34.26
C LEU D 82 -1.00 3.04 -33.68
N ALA D 83 -0.73 1.74 -33.59
CA ALA D 83 -1.76 0.78 -33.26
C ALA D 83 -1.69 0.31 -31.81
N ASP D 84 -2.85 0.13 -31.19
CA ASP D 84 -2.98 -0.54 -29.91
C ASP D 84 -3.17 -2.04 -30.15
N LEU D 85 -2.23 -2.84 -29.67
CA LEU D 85 -2.35 -4.30 -29.76
C LEU D 85 -3.66 -4.76 -29.13
N ARG D 86 -4.13 -5.94 -29.56
CA ARG D 86 -5.31 -6.50 -28.92
C ARG D 86 -4.98 -6.78 -27.45
N GLY D 87 -5.93 -6.46 -26.56
CA GLY D 87 -5.68 -6.52 -25.14
C GLY D 87 -5.09 -5.27 -24.54
N TYR D 88 -4.68 -4.32 -25.37
CA TYR D 88 -4.00 -3.12 -24.91
C TYR D 88 -4.71 -1.86 -25.39
N GLY D 89 -4.38 -0.74 -24.76
CA GLY D 89 -4.92 0.54 -25.19
C GLY D 89 -6.43 0.52 -25.23
N ASP D 90 -6.99 1.06 -26.31
CA ASP D 90 -8.44 1.09 -26.52
C ASP D 90 -8.90 0.03 -27.50
N SER D 91 -8.08 -0.98 -27.79
CA SER D 91 -8.51 -2.05 -28.66
C SER D 91 -9.35 -3.07 -27.88
N SER D 92 -9.96 -3.99 -28.61
CA SER D 92 -10.76 -5.03 -27.97
C SER D 92 -9.89 -5.92 -27.09
N ARG D 93 -10.54 -6.57 -26.13
CA ARG D 93 -9.92 -7.52 -25.22
C ARG D 93 -10.64 -8.87 -25.33
N PRO D 94 -10.42 -9.60 -26.41
CA PRO D 94 -11.10 -10.89 -26.60
C PRO D 94 -10.76 -11.87 -25.48
N ALA D 95 -11.60 -12.89 -25.34
CA ALA D 95 -11.34 -13.94 -24.37
C ALA D 95 -10.08 -14.72 -24.75
N GLY D 96 -9.47 -15.35 -23.75
CA GLY D 96 -8.35 -16.25 -23.97
C GLY D 96 -8.82 -17.63 -24.41
N ASP D 97 -7.88 -18.56 -24.44
CA ASP D 97 -8.19 -19.93 -24.82
C ASP D 97 -7.05 -20.83 -24.37
N PRO D 98 -7.31 -22.14 -24.21
CA PRO D 98 -6.30 -23.02 -23.62
C PRO D 98 -4.94 -23.01 -24.29
N GLU D 99 -4.89 -22.94 -25.61
CA GLU D 99 -3.63 -22.95 -26.32
C GLU D 99 -3.09 -21.54 -26.55
N HIS D 100 -3.87 -20.52 -26.17
CA HIS D 100 -3.42 -19.12 -26.24
C HIS D 100 -3.26 -18.69 -27.69
N VAL D 101 -4.16 -19.18 -28.55
CA VAL D 101 -4.17 -18.76 -29.94
C VAL D 101 -4.68 -17.33 -30.07
N ASN D 102 -5.65 -16.93 -29.26
CA ASN D 102 -6.27 -15.62 -29.43
C ASN D 102 -5.27 -14.50 -29.22
N TYR D 103 -4.23 -14.73 -28.42
CA TYR D 103 -3.18 -13.75 -28.19
C TYR D 103 -1.82 -14.24 -28.69
N SER D 104 -1.82 -15.21 -29.60
CA SER D 104 -0.59 -15.62 -30.25
C SER D 104 -0.02 -14.48 -31.08
N LYS D 105 1.30 -14.50 -31.29
CA LYS D 105 1.91 -13.48 -32.14
C LYS D 105 1.41 -13.59 -33.58
N ARG D 106 1.06 -14.80 -34.03
CA ARG D 106 0.48 -14.96 -35.36
C ARG D 106 -0.84 -14.23 -35.48
N THR D 107 -1.72 -14.41 -34.49
CA THR D 107 -3.03 -13.75 -34.52
C THR D 107 -2.88 -12.23 -34.42
N MET D 108 -2.04 -11.74 -33.51
CA MET D 108 -1.86 -10.30 -33.37
C MET D 108 -1.20 -9.69 -34.61
N ALA D 109 -0.30 -10.47 -35.25
CA ALA D 109 0.30 -10.03 -36.49
C ALA D 109 -0.75 -9.92 -37.60
N ARG D 110 -1.67 -10.88 -37.68
CA ARG D 110 -2.76 -10.78 -38.64
C ARG D 110 -3.67 -9.61 -38.32
N ASP D 111 -3.91 -9.35 -37.03
CA ASP D 111 -4.60 -8.12 -36.63
C ASP D 111 -4.01 -6.92 -37.33
N LEU D 112 -2.68 -6.77 -37.22
CA LEU D 112 -2.05 -5.57 -37.76
C LEU D 112 -2.03 -5.58 -39.30
N LEU D 113 -1.80 -6.74 -39.91
CA LEU D 113 -1.88 -6.82 -41.36
C LEU D 113 -3.23 -6.33 -41.86
N ARG D 114 -4.30 -6.84 -41.27
CA ARG D 114 -5.64 -6.43 -41.68
C ARG D 114 -5.88 -4.96 -41.37
N LEU D 115 -5.39 -4.48 -40.22
CA LEU D 115 -5.51 -3.06 -39.91
C LEU D 115 -4.96 -2.22 -41.06
N MET D 116 -3.71 -2.48 -41.45
CA MET D 116 -3.09 -1.70 -42.52
C MET D 116 -3.85 -1.88 -43.83
N ALA D 117 -4.33 -3.10 -44.10
CA ALA D 117 -5.07 -3.33 -45.35
C ALA D 117 -6.31 -2.45 -45.42
N ARG D 118 -7.13 -2.48 -44.38
CA ARG D 118 -8.38 -1.71 -44.37
C ARG D 118 -8.11 -0.21 -44.39
N LEU D 119 -6.96 0.24 -43.92
CA LEU D 119 -6.58 1.65 -44.05
C LEU D 119 -5.98 1.96 -45.43
N GLY D 120 -5.93 0.97 -46.32
CA GLY D 120 -5.47 1.19 -47.67
C GLY D 120 -3.99 0.95 -47.92
N HIS D 121 -3.32 0.21 -47.03
CA HIS D 121 -1.88 0.01 -47.12
C HIS D 121 -1.58 -1.49 -47.22
N GLU D 122 -1.29 -1.94 -48.43
CA GLU D 122 -0.87 -3.32 -48.66
C GLU D 122 0.61 -3.52 -48.44
N HIS D 123 1.40 -2.44 -48.47
CA HIS D 123 2.83 -2.47 -48.20
C HIS D 123 3.16 -1.36 -47.21
N PHE D 124 3.98 -1.68 -46.21
CA PHE D 124 4.30 -0.71 -45.16
C PHE D 124 5.60 -1.09 -44.47
N SER D 125 6.22 -0.09 -43.84
CA SER D 125 7.34 -0.31 -42.94
C SER D 125 6.83 -0.44 -41.50
N VAL D 126 7.68 -0.94 -40.62
CA VAL D 126 7.27 -1.17 -39.23
C VAL D 126 8.35 -0.70 -38.26
N LEU D 127 7.92 0.07 -37.25
CA LEU D 127 8.74 0.43 -36.10
C LEU D 127 8.03 -0.07 -34.85
N ALA D 128 8.68 -0.94 -34.10
CA ALA D 128 8.01 -1.65 -33.03
C ALA D 128 8.94 -1.83 -31.83
N HIS D 129 8.32 -2.02 -30.68
CA HIS D 129 9.01 -2.08 -29.39
C HIS D 129 8.39 -3.14 -28.51
N ASP D 130 9.24 -3.88 -27.80
CA ASP D 130 8.76 -4.77 -26.72
C ASP D 130 7.77 -5.77 -27.33
N ARG D 131 6.59 -5.99 -26.73
CA ARG D 131 5.64 -6.94 -27.31
C ARG D 131 5.40 -6.64 -28.79
N GLY D 132 5.23 -5.36 -29.11
CA GLY D 132 5.00 -4.98 -30.49
C GLY D 132 6.07 -5.47 -31.43
N ALA D 133 7.34 -5.38 -31.01
CA ALA D 133 8.43 -5.86 -31.84
C ALA D 133 8.31 -7.35 -32.11
N ARG D 134 7.95 -8.14 -31.10
CA ARG D 134 7.75 -9.57 -31.28
C ARG D 134 6.62 -9.85 -32.26
N VAL D 135 5.49 -9.14 -32.10
CA VAL D 135 4.43 -9.24 -33.09
C VAL D 135 4.97 -8.94 -34.48
N ALA D 136 5.78 -7.89 -34.60
CA ALA D 136 6.31 -7.47 -35.89
C ALA D 136 7.19 -8.55 -36.51
N HIS D 137 8.04 -9.17 -35.70
CA HIS D 137 8.85 -10.30 -36.18
C HIS D 137 7.95 -11.34 -36.82
N ARG D 138 6.92 -11.78 -36.09
CA ARG D 138 6.02 -12.79 -36.64
C ARG D 138 5.30 -12.28 -37.88
N LEU D 139 4.83 -11.03 -37.86
CA LEU D 139 4.17 -10.44 -39.02
C LEU D 139 5.06 -10.52 -40.27
N ALA D 140 6.33 -10.11 -40.13
CA ALA D 140 7.25 -10.09 -41.25
C ALA D 140 7.60 -11.50 -41.71
N MET D 141 7.48 -12.50 -40.83
CA MET D 141 7.70 -13.87 -41.29
C MET D 141 6.47 -14.41 -42.03
N ASP D 142 5.26 -14.02 -41.57
CA ASP D 142 4.03 -14.57 -42.13
C ASP D 142 3.59 -13.85 -43.40
N TYR D 143 3.99 -12.59 -43.59
CA TYR D 143 3.55 -11.78 -44.71
C TYR D 143 4.71 -10.93 -45.19
N PRO D 144 5.78 -11.56 -45.67
CA PRO D 144 6.99 -10.80 -46.03
C PRO D 144 6.76 -9.81 -47.16
N ALA D 145 5.83 -10.07 -48.06
CA ALA D 145 5.60 -9.15 -49.18
C ALA D 145 4.94 -7.85 -48.73
N SER D 146 4.38 -7.83 -47.53
CA SER D 146 3.72 -6.63 -47.01
C SER D 146 4.64 -5.72 -46.23
N VAL D 147 5.74 -6.24 -45.70
CA VAL D 147 6.66 -5.49 -44.85
C VAL D 147 7.87 -5.10 -45.68
N GLN D 148 8.07 -3.79 -45.86
CA GLN D 148 9.20 -3.30 -46.65
C GLN D 148 10.49 -3.30 -45.86
N ARG D 149 10.51 -2.62 -44.72
CA ARG D 149 11.66 -2.62 -43.83
C ARG D 149 11.12 -2.81 -42.41
N LEU D 150 11.99 -3.23 -41.50
CA LEU D 150 11.57 -3.56 -40.14
C LEU D 150 12.54 -2.93 -39.15
N VAL D 151 12.01 -2.22 -38.15
CA VAL D 151 12.83 -1.69 -37.06
C VAL D 151 12.26 -2.21 -35.75
N LEU D 152 13.08 -2.92 -34.98
CA LEU D 152 12.66 -3.55 -33.73
C LEU D 152 13.50 -2.98 -32.59
N LEU D 153 12.83 -2.53 -31.53
CA LEU D 153 13.47 -1.79 -30.44
C LEU D 153 13.59 -2.66 -29.19
N ASP D 154 14.80 -2.76 -28.67
CA ASP D 154 15.12 -3.43 -27.43
C ASP D 154 14.41 -4.78 -27.27
N ILE D 155 14.64 -5.64 -28.25
CA ILE D 155 14.29 -7.05 -28.09
C ILE D 155 15.34 -7.90 -28.78
N ALA D 156 15.56 -9.07 -28.24
CA ALA D 156 16.09 -10.21 -28.97
C ALA D 156 14.96 -11.20 -29.25
N PRO D 157 15.13 -12.09 -30.22
CA PRO D 157 14.04 -13.04 -30.53
C PRO D 157 13.59 -13.81 -29.30
N THR D 158 12.27 -14.02 -29.20
CA THR D 158 11.70 -14.63 -27.99
C THR D 158 12.30 -16.01 -27.73
N LEU D 159 12.46 -16.81 -28.79
CA LEU D 159 12.93 -18.18 -28.62
C LEU D 159 14.34 -18.21 -28.02
N ALA D 160 15.26 -17.42 -28.58
CA ALA D 160 16.60 -17.38 -28.03
C ALA D 160 16.59 -16.86 -26.60
N MET D 161 15.75 -15.88 -26.31
CA MET D 161 15.73 -15.30 -24.97
C MET D 161 15.27 -16.31 -23.94
N TYR D 162 14.25 -17.11 -24.26
CA TYR D 162 13.84 -18.16 -23.34
C TYR D 162 14.89 -19.26 -23.26
N GLU D 163 15.42 -19.69 -24.40
CA GLU D 163 16.41 -20.77 -24.40
C GLU D 163 17.63 -20.40 -23.58
N GLN D 164 18.07 -19.15 -23.68
CA GLN D 164 19.29 -18.70 -23.01
C GLN D 164 19.03 -18.11 -21.64
N THR D 165 17.90 -18.43 -21.03
CA THR D 165 17.61 -17.93 -19.69
C THR D 165 18.70 -18.36 -18.71
N GLY D 166 19.18 -17.40 -17.92
CA GLY D 166 20.05 -17.68 -16.79
C GLY D 166 19.56 -16.96 -15.56
N GLU D 167 20.34 -17.10 -14.48
CA GLU D 167 19.95 -16.49 -13.22
C GLU D 167 19.65 -15.01 -13.40
N ALA D 168 20.55 -14.28 -14.07
CA ALA D 168 20.39 -12.84 -14.20
C ALA D 168 19.10 -12.50 -14.96
N PHE D 169 18.86 -13.19 -16.08
CA PHE D 169 17.67 -12.87 -16.87
C PHE D 169 16.40 -13.17 -16.09
N ALA D 170 16.34 -14.34 -15.44
CA ALA D 170 15.15 -14.67 -14.66
C ALA D 170 14.94 -13.69 -13.52
N ARG D 171 16.03 -13.18 -12.94
CA ARG D 171 15.91 -12.18 -11.90
C ARG D 171 15.34 -10.87 -12.44
N ALA D 172 15.87 -10.42 -13.59
CA ALA D 172 15.51 -9.11 -14.11
C ALA D 172 14.15 -9.15 -14.82
N TYR D 173 14.00 -10.06 -15.78
CA TYR D 173 12.72 -10.25 -16.47
C TYR D 173 11.86 -11.29 -15.77
N TRP D 174 11.61 -11.08 -14.48
CA TRP D 174 10.83 -12.02 -13.68
C TRP D 174 9.45 -12.23 -14.29
N HIS D 175 8.89 -11.21 -14.95
CA HIS D 175 7.53 -11.33 -15.44
C HIS D 175 7.44 -12.39 -16.54
N TRP D 176 8.50 -12.57 -17.33
CA TRP D 176 8.54 -13.64 -18.32
C TRP D 176 8.27 -15.01 -17.71
N PHE D 177 8.40 -15.15 -16.40
CA PHE D 177 8.10 -16.40 -15.73
C PHE D 177 6.96 -16.29 -14.74
N PHE D 178 6.47 -15.07 -14.46
CA PHE D 178 5.28 -14.92 -13.63
C PHE D 178 4.03 -14.81 -14.48
N LEU D 179 4.05 -13.98 -15.52
CA LEU D 179 2.86 -13.75 -16.33
C LEU D 179 2.48 -14.98 -17.16
N ILE D 180 3.39 -15.94 -17.32
CA ILE D 180 3.04 -17.14 -18.09
C ILE D 180 2.35 -18.20 -17.26
N GLN D 181 2.34 -18.06 -15.93
CA GLN D 181 1.71 -19.07 -15.10
C GLN D 181 0.21 -19.13 -15.36
N PRO D 182 -0.42 -20.28 -15.14
CA PRO D 182 -1.84 -20.42 -15.52
C PRO D 182 -2.74 -19.46 -14.76
N ALA D 183 -3.72 -18.92 -15.48
CA ALA D 183 -4.72 -18.08 -14.84
C ALA D 183 -5.37 -18.82 -13.68
N PRO D 184 -5.80 -18.11 -12.62
CA PRO D 184 -5.91 -16.66 -12.51
C PRO D 184 -4.82 -15.95 -11.73
N LEU D 185 -3.66 -16.58 -11.55
CA LEU D 185 -2.64 -16.08 -10.63
C LEU D 185 -2.11 -14.70 -11.03
N PRO D 186 -1.40 -14.57 -12.16
CA PRO D 186 -0.86 -13.25 -12.52
C PRO D 186 -1.95 -12.21 -12.69
N GLU D 187 -3.12 -12.61 -13.17
CA GLU D 187 -4.25 -11.69 -13.24
C GLU D 187 -4.61 -11.18 -11.84
N ARG D 188 -4.58 -12.08 -10.86
CA ARG D 188 -4.83 -11.64 -9.49
C ARG D 188 -3.85 -10.53 -9.11
N LEU D 189 -2.56 -10.74 -9.39
CA LEU D 189 -1.62 -9.67 -9.08
C LEU D 189 -2.03 -8.37 -9.74
N ILE D 190 -2.22 -8.39 -11.07
CA ILE D 190 -2.40 -7.14 -11.80
C ILE D 190 -3.65 -6.43 -11.33
N GLU D 191 -4.76 -7.16 -11.17
CA GLU D 191 -6.04 -6.52 -10.85
C GLU D 191 -6.13 -6.15 -9.37
N ALA D 192 -5.29 -6.72 -8.51
CA ALA D 192 -5.28 -6.27 -7.12
C ALA D 192 -4.91 -4.79 -7.04
N ASP D 193 -4.08 -4.30 -7.96
CA ASP D 193 -3.69 -2.90 -7.98
C ASP D 193 -3.03 -2.56 -9.32
N PRO D 194 -3.81 -2.20 -10.35
CA PRO D 194 -3.19 -1.99 -11.67
C PRO D 194 -2.21 -0.83 -11.72
N ALA D 195 -2.55 0.27 -11.05
CA ALA D 195 -1.66 1.43 -11.04
C ALA D 195 -0.31 1.07 -10.43
N ALA D 196 -0.32 0.35 -9.30
CA ALA D 196 0.93 -0.11 -8.72
C ALA D 196 1.70 -1.01 -9.67
N TYR D 197 0.99 -1.84 -10.43
CA TYR D 197 1.66 -2.71 -11.38
C TYR D 197 2.41 -1.91 -12.42
N VAL D 198 1.74 -0.93 -13.04
CA VAL D 198 2.43 -0.09 -14.03
C VAL D 198 3.62 0.61 -13.39
N ARG D 199 3.41 1.24 -12.23
CA ARG D 199 4.47 2.01 -11.61
C ARG D 199 5.68 1.12 -11.27
N GLU D 200 5.44 -0.09 -10.81
CA GLU D 200 6.52 -0.98 -10.40
C GLU D 200 7.20 -1.63 -11.61
N ILE D 201 6.43 -2.00 -12.63
CA ILE D 201 7.00 -2.58 -13.85
C ILE D 201 7.89 -1.56 -14.55
N MET D 202 7.46 -0.31 -14.63
CA MET D 202 8.19 0.68 -15.42
C MET D 202 9.25 1.43 -14.61
N GLY D 203 8.98 1.73 -13.35
CA GLY D 203 9.95 2.53 -12.61
C GLY D 203 11.09 1.75 -11.98
N ARG D 204 10.99 0.42 -11.93
CA ARG D 204 12.03 -0.41 -11.31
C ARG D 204 13.08 -0.85 -12.33
N ARG D 205 13.23 -0.14 -13.44
CA ARG D 205 14.25 -0.36 -14.47
C ARG D 205 15.23 0.81 -14.44
N SER D 206 16.16 0.82 -15.40
CA SER D 206 17.33 1.69 -15.28
C SER D 206 16.91 3.17 -15.22
N ALA D 207 15.88 3.58 -15.97
CA ALA D 207 15.54 5.00 -16.07
C ALA D 207 14.50 5.49 -15.06
N GLY D 208 13.93 4.59 -14.27
CA GLY D 208 12.86 4.97 -13.36
C GLY D 208 11.66 5.44 -14.15
N LEU D 209 10.80 6.23 -13.48
CA LEU D 209 9.63 6.80 -14.13
C LEU D 209 9.92 8.13 -14.79
N ALA D 210 11.17 8.57 -14.75
CA ALA D 210 11.51 9.90 -15.26
C ALA D 210 11.04 10.14 -16.70
N PRO D 211 11.34 9.27 -17.66
CA PRO D 211 11.16 9.65 -19.07
C PRO D 211 9.72 9.71 -19.56
N PHE D 212 8.73 9.51 -18.70
CA PHE D 212 7.36 9.38 -19.16
C PHE D 212 6.58 10.66 -18.89
N ASP D 213 6.10 11.26 -19.97
CA ASP D 213 5.22 12.42 -19.90
C ASP D 213 4.00 12.09 -19.07
N PRO D 214 3.49 13.03 -18.27
CA PRO D 214 2.31 12.71 -17.43
C PRO D 214 1.14 12.15 -18.22
N ARG D 215 0.83 12.71 -19.39
CA ARG D 215 -0.28 12.20 -20.18
C ARG D 215 -0.06 10.74 -20.60
N ALA D 216 1.19 10.40 -20.97
CA ALA D 216 1.47 9.03 -21.42
C ALA D 216 1.30 8.04 -20.28
N LEU D 217 1.84 8.36 -19.09
CA LEU D 217 1.64 7.49 -17.94
C LEU D 217 0.17 7.35 -17.62
N ALA D 218 -0.57 8.45 -17.66
CA ALA D 218 -2.01 8.38 -17.41
C ALA D 218 -2.68 7.46 -18.41
N GLU D 219 -2.24 7.49 -19.67
CA GLU D 219 -2.82 6.60 -20.67
C GLU D 219 -2.54 5.14 -20.32
N TYR D 220 -1.29 4.83 -19.98
CA TYR D 220 -0.95 3.45 -19.64
C TYR D 220 -1.80 2.99 -18.46
N GLN D 221 -1.99 3.86 -17.47
CA GLN D 221 -2.74 3.49 -16.27
C GLN D 221 -4.24 3.33 -16.58
N ARG D 222 -4.81 4.27 -17.32
CA ARG D 222 -6.22 4.17 -17.70
C ARG D 222 -6.49 2.89 -18.47
N CYS D 223 -5.66 2.62 -19.47
CA CYS D 223 -5.94 1.49 -20.36
C CYS D 223 -5.69 0.16 -19.67
N LEU D 224 -4.63 0.05 -18.85
CA LEU D 224 -4.38 -1.22 -18.18
C LEU D 224 -5.48 -1.55 -17.18
N ALA D 225 -6.13 -0.54 -16.61
CA ALA D 225 -7.20 -0.77 -15.64
C ALA D 225 -8.54 -1.15 -16.29
N LEU D 226 -8.65 -1.04 -17.61
CA LEU D 226 -9.90 -1.40 -18.28
C LEU D 226 -10.19 -2.88 -18.02
N PRO D 227 -11.46 -3.26 -17.85
CA PRO D 227 -11.77 -4.66 -17.54
C PRO D 227 -11.26 -5.61 -18.61
N GLY D 228 -10.77 -6.77 -18.17
CA GLY D 228 -10.27 -7.78 -19.07
C GLY D 228 -8.84 -7.59 -19.52
N SER D 229 -8.17 -6.52 -19.10
CA SER D 229 -6.83 -6.24 -19.59
C SER D 229 -5.81 -7.25 -19.06
N ALA D 230 -5.85 -7.54 -17.77
CA ALA D 230 -4.86 -8.43 -17.17
C ALA D 230 -4.82 -9.77 -17.88
N HIS D 231 -6.01 -10.36 -18.12
CA HIS D 231 -6.07 -11.67 -18.75
C HIS D 231 -5.48 -11.64 -20.16
N GLY D 232 -5.79 -10.60 -20.93
CA GLY D 232 -5.25 -10.52 -22.28
C GLY D 232 -3.74 -10.41 -22.30
N MET D 233 -3.20 -9.54 -21.44
CA MET D 233 -1.74 -9.38 -21.41
C MET D 233 -1.07 -10.69 -21.02
N CYS D 234 -1.61 -11.36 -19.98
CA CYS D 234 -1.05 -12.64 -19.58
C CYS D 234 -1.20 -13.70 -20.67
N GLU D 235 -2.27 -13.64 -21.45
CA GLU D 235 -2.43 -14.58 -22.55
C GLU D 235 -1.36 -14.37 -23.62
N ASP D 236 -1.05 -13.11 -23.91
CA ASP D 236 0.06 -12.80 -24.81
C ASP D 236 1.34 -13.45 -24.31
N TYR D 237 1.70 -13.22 -23.04
CA TYR D 237 2.92 -13.81 -22.52
C TYR D 237 2.87 -15.34 -22.55
N ARG D 238 1.71 -15.92 -22.20
CA ARG D 238 1.58 -17.38 -22.20
C ARG D 238 1.79 -17.95 -23.59
N ALA D 239 1.20 -17.32 -24.61
CA ALA D 239 1.46 -17.74 -25.98
C ALA D 239 2.95 -17.67 -26.28
N SER D 240 3.62 -16.61 -25.83
CA SER D 240 5.04 -16.48 -26.14
C SER D 240 5.91 -17.47 -25.36
N ALA D 241 5.35 -18.14 -24.36
CA ALA D 241 6.05 -19.28 -23.75
C ALA D 241 5.57 -20.62 -24.29
N GLY D 242 4.65 -20.62 -25.26
CA GLY D 242 4.16 -21.86 -25.83
C GLY D 242 4.04 -21.88 -27.35
N ILE D 243 2.81 -21.70 -27.85
CA ILE D 243 2.55 -21.87 -29.29
C ILE D 243 3.43 -20.95 -30.12
N ASP D 244 3.65 -19.72 -29.67
CA ASP D 244 4.52 -18.81 -30.43
C ASP D 244 5.89 -19.44 -30.63
N LEU D 245 6.41 -20.10 -29.60
CA LEU D 245 7.72 -20.72 -29.70
C LEU D 245 7.68 -21.93 -30.63
N ASP D 246 6.56 -22.65 -30.69
CA ASP D 246 6.41 -23.69 -31.71
C ASP D 246 6.56 -23.09 -33.11
N HIS D 247 5.87 -21.97 -33.36
CA HIS D 247 5.97 -21.33 -34.67
C HIS D 247 7.40 -20.88 -34.96
N ASP D 248 8.05 -20.25 -33.97
CA ASP D 248 9.40 -19.75 -34.18
C ASP D 248 10.38 -20.90 -34.42
N ARG D 249 10.22 -21.99 -33.68
CA ARG D 249 11.06 -23.17 -33.86
C ARG D 249 10.85 -23.78 -35.23
N GLU D 250 9.60 -23.79 -35.71
CA GLU D 250 9.35 -24.28 -37.06
C GLU D 250 10.12 -23.45 -38.08
N ASP D 251 10.04 -22.11 -37.95
CA ASP D 251 10.81 -21.25 -38.84
C ASP D 251 12.30 -21.61 -38.79
N ARG D 252 12.83 -21.79 -37.57
CA ARG D 252 14.24 -22.12 -37.42
C ARG D 252 14.58 -23.43 -38.10
N GLN D 253 13.75 -24.45 -37.89
CA GLN D 253 14.04 -25.78 -38.42
C GLN D 253 13.93 -25.82 -39.94
N LEU D 254 13.00 -25.08 -40.52
CA LEU D 254 12.86 -25.07 -41.97
C LEU D 254 13.80 -24.07 -42.63
N GLY D 255 14.64 -23.40 -41.85
CA GLY D 255 15.56 -22.43 -42.43
C GLY D 255 14.89 -21.18 -42.92
N ARG D 256 13.76 -20.80 -42.32
CA ARG D 256 13.03 -19.61 -42.71
C ARG D 256 13.54 -18.41 -41.93
N ARG D 257 13.92 -17.35 -42.64
CA ARG D 257 14.50 -16.17 -42.03
C ARG D 257 13.86 -14.92 -42.63
N LEU D 258 13.98 -13.81 -41.91
CA LEU D 258 13.53 -12.52 -42.42
C LEU D 258 14.31 -12.15 -43.68
N SER D 259 13.59 -11.80 -44.73
CA SER D 259 14.19 -11.48 -46.03
C SER D 259 14.44 -10.00 -46.24
N MET D 260 13.66 -9.13 -45.61
CA MET D 260 13.73 -7.70 -45.85
C MET D 260 14.72 -7.05 -44.89
N PRO D 261 15.11 -5.81 -45.15
CA PRO D 261 16.07 -5.13 -44.27
C PRO D 261 15.54 -5.00 -42.85
N LEU D 262 16.41 -5.28 -41.88
CA LEU D 262 16.08 -5.31 -40.48
C LEU D 262 17.06 -4.46 -39.71
N LEU D 263 16.55 -3.50 -38.94
CA LEU D 263 17.34 -2.68 -38.03
C LEU D 263 16.88 -3.01 -36.60
N VAL D 264 17.84 -3.35 -35.74
CA VAL D 264 17.58 -3.67 -34.35
C VAL D 264 18.30 -2.67 -33.47
N LEU D 265 17.56 -1.98 -32.62
CA LEU D 265 18.11 -1.01 -31.67
C LEU D 265 17.71 -1.43 -30.27
N TRP D 266 18.68 -1.53 -29.36
CA TRP D 266 18.41 -1.93 -27.99
C TRP D 266 19.12 -0.99 -27.04
N GLY D 267 18.63 -0.94 -25.81
CA GLY D 267 19.16 -0.03 -24.82
C GLY D 267 20.41 -0.58 -24.15
N GLU D 268 21.48 0.22 -24.17
CA GLU D 268 22.73 -0.21 -23.53
C GLU D 268 22.55 -0.47 -22.05
N GLU D 269 21.62 0.22 -21.40
CA GLU D 269 21.44 0.12 -19.97
C GLU D 269 20.40 -0.91 -19.55
N GLY D 270 19.82 -1.64 -20.51
CA GLY D 270 18.71 -2.53 -20.25
C GLY D 270 19.13 -4.00 -20.11
N VAL D 271 18.14 -4.83 -19.82
CA VAL D 271 18.39 -6.24 -19.58
C VAL D 271 18.82 -6.95 -20.85
N VAL D 272 18.23 -6.59 -21.99
CA VAL D 272 18.55 -7.25 -23.25
C VAL D 272 20.04 -7.15 -23.54
N HIS D 273 20.61 -5.94 -23.40
CA HIS D 273 22.04 -5.75 -23.62
C HIS D 273 22.85 -6.62 -22.68
N ARG D 274 22.45 -6.68 -21.42
CA ARG D 274 23.26 -7.35 -20.39
C ARG D 274 23.24 -8.86 -20.54
N CYS D 275 22.13 -9.43 -21.00
CA CYS D 275 21.92 -10.87 -20.93
C CYS D 275 22.03 -11.59 -22.27
N PHE D 276 22.15 -10.88 -23.38
CA PHE D 276 22.21 -11.53 -24.69
C PHE D 276 23.14 -10.77 -25.60
N ASP D 277 23.36 -11.34 -26.79
CA ASP D 277 24.05 -10.71 -27.90
C ASP D 277 23.01 -10.38 -28.96
N PRO D 278 22.30 -9.25 -28.83
CA PRO D 278 21.12 -9.05 -29.68
C PRO D 278 21.41 -9.09 -31.17
N LEU D 279 22.47 -8.42 -31.62
CA LEU D 279 22.75 -8.38 -33.05
C LEU D 279 23.04 -9.78 -33.59
N ARG D 280 23.85 -10.57 -32.86
CA ARG D 280 24.12 -11.92 -33.30
C ARG D 280 22.84 -12.76 -33.31
N GLU D 281 22.02 -12.65 -32.26
CA GLU D 281 20.79 -13.44 -32.21
C GLU D 281 19.88 -13.12 -33.39
N TRP D 282 19.80 -11.84 -33.78
CA TRP D 282 18.98 -11.50 -34.94
C TRP D 282 19.64 -11.95 -36.23
N GLN D 283 20.98 -11.99 -36.26
CA GLN D 283 21.67 -12.52 -37.45
C GLN D 283 21.35 -13.99 -37.66
N LEU D 284 21.02 -14.72 -36.60
CA LEU D 284 20.65 -16.11 -36.74
C LEU D 284 19.30 -16.30 -37.41
N VAL D 285 18.40 -15.32 -37.33
CA VAL D 285 17.03 -15.46 -37.81
C VAL D 285 16.70 -14.44 -38.89
N ALA D 286 17.70 -13.74 -39.41
CA ALA D 286 17.46 -12.77 -40.47
C ALA D 286 18.69 -12.68 -41.37
N ASP D 287 18.45 -12.45 -42.66
CA ASP D 287 19.52 -12.45 -43.65
C ASP D 287 20.09 -11.06 -43.91
N ASP D 288 19.36 -9.99 -43.56
CA ASP D 288 19.78 -8.61 -43.87
C ASP D 288 19.55 -7.77 -42.62
N VAL D 289 20.53 -7.75 -41.73
CA VAL D 289 20.38 -7.20 -40.38
C VAL D 289 21.47 -6.17 -40.13
N ARG D 290 21.11 -5.07 -39.48
CA ARG D 290 22.10 -4.16 -38.91
C ARG D 290 21.53 -3.67 -37.58
N GLY D 291 22.40 -3.33 -36.64
CA GLY D 291 21.92 -2.80 -35.38
C GLY D 291 23.07 -2.35 -34.50
N ARG D 292 22.69 -1.80 -33.36
CA ARG D 292 23.64 -1.23 -32.40
C ARG D 292 22.88 -0.87 -31.14
N PRO D 293 23.58 -0.76 -30.01
CA PRO D 293 22.96 -0.25 -28.79
C PRO D 293 22.82 1.27 -28.83
N LEU D 294 21.85 1.77 -28.08
CA LEU D 294 21.66 3.20 -27.87
C LEU D 294 21.94 3.51 -26.41
N ALA D 295 22.35 4.75 -26.14
CA ALA D 295 22.69 5.18 -24.80
C ALA D 295 21.41 5.53 -24.02
N CYS D 296 20.67 4.48 -23.66
CA CYS D 296 19.43 4.61 -22.92
C CYS D 296 19.04 3.23 -22.42
N GLY D 297 17.88 3.16 -21.78
CA GLY D 297 17.33 1.92 -21.27
C GLY D 297 16.29 1.29 -22.18
N HIS D 298 15.35 0.57 -21.57
CA HIS D 298 14.36 -0.19 -22.33
C HIS D 298 13.43 0.71 -23.14
N TYR D 299 12.92 1.79 -22.52
CA TYR D 299 11.87 2.60 -23.14
C TYR D 299 12.50 3.62 -24.09
N ILE D 300 13.02 3.10 -25.20
CA ILE D 300 13.80 3.93 -26.11
C ILE D 300 13.00 5.12 -26.61
N ALA D 301 11.78 4.88 -27.10
CA ALA D 301 11.03 5.94 -27.78
C ALA D 301 10.69 7.12 -26.85
N GLU D 302 10.68 6.89 -25.53
CA GLU D 302 10.38 7.95 -24.58
C GLU D 302 11.63 8.47 -23.88
N GLU D 303 12.64 7.63 -23.65
CA GLU D 303 13.86 8.11 -23.00
C GLU D 303 14.73 8.91 -23.96
N ALA D 304 14.91 8.42 -25.18
CA ALA D 304 15.84 9.00 -26.15
C ALA D 304 15.18 9.05 -27.51
N PRO D 305 14.17 9.91 -27.68
CA PRO D 305 13.50 9.96 -28.98
C PRO D 305 14.39 10.48 -30.09
N ASP D 306 15.25 11.46 -29.78
CA ASP D 306 16.11 12.03 -30.81
C ASP D 306 17.13 11.03 -31.31
N ALA D 307 17.75 10.28 -30.40
CA ALA D 307 18.69 9.24 -30.82
C ALA D 307 17.96 8.17 -31.64
N LEU D 308 16.76 7.78 -31.22
CA LEU D 308 15.99 6.82 -31.99
C LEU D 308 15.77 7.30 -33.41
N LEU D 309 15.34 8.55 -33.57
CA LEU D 309 15.09 9.06 -34.92
C LEU D 309 16.39 9.17 -35.72
N ASP D 310 17.46 9.67 -35.11
CA ASP D 310 18.74 9.75 -35.80
C ASP D 310 19.15 8.39 -36.34
N ALA D 311 18.95 7.33 -35.56
CA ALA D 311 19.39 6.00 -35.98
C ALA D 311 18.43 5.36 -36.97
N ALA D 312 17.14 5.65 -36.87
CA ALA D 312 16.14 4.91 -37.63
C ALA D 312 15.66 5.62 -38.88
N LEU D 313 15.62 6.94 -38.90
CA LEU D 313 15.14 7.65 -40.08
C LEU D 313 15.97 7.37 -41.33
N PRO D 314 17.30 7.39 -41.30
CA PRO D 314 18.05 7.03 -42.52
C PRO D 314 17.64 5.67 -43.06
N PHE D 315 17.54 4.69 -42.16
CA PHE D 315 17.17 3.34 -42.56
C PHE D 315 15.77 3.30 -43.18
N LEU D 316 14.81 3.98 -42.56
CA LEU D 316 13.45 3.94 -43.06
C LEU D 316 13.26 4.76 -44.33
N LEU D 317 14.03 5.84 -44.50
CA LEU D 317 13.90 6.73 -45.64
C LEU D 317 14.81 6.33 -46.79
N GLN D 318 16.08 6.05 -46.51
CA GLN D 318 17.01 5.54 -47.52
C GLN D 318 16.56 4.12 -47.81
N ALA D 319 15.47 4.02 -48.59
CA ALA D 319 14.71 2.79 -48.67
C ALA D 319 13.44 2.94 -49.49
N GLY D 320 12.79 1.81 -49.78
CA GLY D 320 11.51 1.81 -50.45
C GLY D 320 11.05 0.40 -50.78
#